data_4JPJ
#
_entry.id   4JPJ
#
_cell.length_a   44.960
_cell.length_b   217.730
_cell.length_c   44.990
_cell.angle_alpha   90.00
_cell.angle_beta   119.97
_cell.angle_gamma   90.00
#
_symmetry.space_group_name_H-M   'P 1 21 1'
#
loop_
_entity.id
_entity.type
_entity.pdbx_description
1 polymer 'Germline-targeting HIV-1 gp120 engineered outer domain, eOD-GT6'
2 non-polymer 2-acetamido-2-deoxy-beta-D-glucopyranose
3 water water
#
_entity_poly.entity_id   1
_entity_poly.type   'polypeptide(L)'
_entity_poly.pdbx_seq_one_letter_code
;DTITLPCRPAPPPHCSSNITGLILTRDGGVSNDETEIFRPSGGDMRDIARCQIAGTVVSTQLFLNGSLAEEEVVIRSVDF
RDNAKSICVQLDTSVEIDCTGAGHCDISRAKWDNTLKQIASKLREQFGDRTIIFKQSSGGDPEFVTHSFNCGGEFFYCDS
TQLFDSTWFDSTGTKHHHHHH
;
_entity_poly.pdbx_strand_id   A,B,C,D
#
loop_
_chem_comp.id
_chem_comp.type
_chem_comp.name
_chem_comp.formula
NAG D-saccharide, beta linking 2-acetamido-2-deoxy-beta-D-glucopyranose 'C8 H15 N O6'
#
# COMPACT_ATOMS: atom_id res chain seq x y z
N ASP A 1 20.83 -5.59 -22.86
CA ASP A 1 19.67 -5.27 -23.75
C ASP A 1 18.70 -4.27 -23.12
N THR A 2 17.88 -3.64 -23.96
CA THR A 2 17.14 -2.45 -23.62
C THR A 2 15.81 -2.42 -24.38
N ILE A 3 14.72 -2.09 -23.68
CA ILE A 3 13.39 -2.02 -24.31
C ILE A 3 13.18 -0.62 -24.88
N THR A 4 13.12 -0.54 -26.22
CA THR A 4 12.96 0.74 -26.92
C THR A 4 11.49 1.02 -27.26
N LEU A 5 10.87 1.93 -26.52
CA LEU A 5 9.47 2.31 -26.72
C LEU A 5 9.36 3.61 -27.52
N PRO A 6 8.76 3.55 -28.74
CA PRO A 6 8.60 4.80 -29.51
C PRO A 6 7.48 5.69 -28.95
N CYS A 7 7.65 7.01 -29.04
CA CYS A 7 6.67 7.98 -28.55
C CYS A 7 6.39 9.12 -29.54
N ARG A 8 5.18 9.70 -29.46
CA ARG A 8 4.80 10.86 -30.26
C ARG A 8 4.31 12.02 -29.38
N PRO A 9 4.92 13.22 -29.51
CA PRO A 9 6.13 13.57 -30.29
C PRO A 9 7.41 13.01 -29.68
N ALA A 10 8.55 13.49 -30.15
CA ALA A 10 9.85 13.01 -29.69
C ALA A 10 10.19 13.57 -28.31
N PRO A 11 10.07 12.75 -27.25
CA PRO A 11 10.23 13.26 -25.89
C PRO A 11 11.64 13.80 -25.58
N PRO A 12 11.71 15.03 -25.02
CA PRO A 12 12.99 15.61 -24.62
C PRO A 12 13.71 14.78 -23.56
N PRO A 13 15.02 14.97 -23.39
CA PRO A 13 15.73 14.20 -22.39
C PRO A 13 15.29 14.48 -20.95
N HIS A 14 14.95 15.73 -20.63
CA HIS A 14 14.50 16.08 -19.26
C HIS A 14 13.21 15.38 -18.85
N CYS A 15 12.52 14.75 -19.79
CA CYS A 15 11.37 13.91 -19.50
C CYS A 15 11.74 12.47 -19.14
N SER A 16 12.98 12.26 -18.73
CA SER A 16 13.39 10.98 -18.19
C SER A 16 12.80 10.89 -16.79
N SER A 17 12.25 9.73 -16.44
CA SER A 17 11.61 9.55 -15.15
C SER A 17 12.05 8.26 -14.46
N ASN A 18 11.53 8.05 -13.27
CA ASN A 18 11.52 6.73 -12.63
C ASN A 18 10.12 6.19 -12.69
N ILE A 19 9.97 4.91 -13.02
CA ILE A 19 8.68 4.22 -12.86
C ILE A 19 8.63 3.78 -11.42
N THR A 20 7.60 4.21 -10.69
CA THR A 20 7.45 3.86 -9.27
C THR A 20 6.19 3.03 -8.98
N GLY A 21 5.43 2.69 -10.02
CA GLY A 21 4.24 1.86 -9.87
C GLY A 21 3.37 1.89 -11.11
N LEU A 22 2.29 1.10 -11.12
CA LEU A 22 1.38 1.07 -12.27
C LEU A 22 -0.02 0.55 -11.91
N ILE A 23 -1.01 0.98 -12.68
CA ILE A 23 -2.40 0.55 -12.49
C ILE A 23 -2.69 -0.57 -13.46
N LEU A 24 -3.13 -1.71 -12.92
CA LEU A 24 -3.51 -2.85 -13.74
C LEU A 24 -4.99 -3.14 -13.55
N THR A 25 -5.57 -3.81 -14.55
CA THR A 25 -6.97 -4.18 -14.59
C THR A 25 -7.05 -5.63 -15.05
N ARG A 26 -7.63 -6.49 -14.22
CA ARG A 26 -7.87 -7.90 -14.54
C ARG A 26 -9.16 -7.95 -15.35
N ASP A 27 -9.15 -8.65 -16.50
CA ASP A 27 -10.38 -8.85 -17.27
C ASP A 27 -11.34 -10.01 -16.87
N GLY A 28 -10.92 -11.06 -16.17
CA GLY A 28 -9.56 -11.29 -15.66
C GLY A 28 -9.00 -12.66 -16.00
N GLY A 29 -9.84 -13.68 -15.85
CA GLY A 29 -9.62 -15.02 -16.38
C GLY A 29 -10.98 -15.70 -16.34
N VAL A 30 -11.91 -15.13 -17.11
CA VAL A 30 -13.34 -15.08 -16.74
C VAL A 30 -14.10 -16.41 -16.67
N SER A 31 -13.82 -17.32 -17.60
CA SER A 31 -14.45 -18.65 -17.59
C SER A 31 -13.42 -19.74 -17.89
N ASN A 32 -12.24 -19.55 -17.29
CA ASN A 32 -11.25 -20.61 -17.09
C ASN A 32 -10.27 -20.92 -18.24
N ASP A 33 -9.02 -20.56 -17.99
CA ASP A 33 -7.86 -21.24 -18.59
C ASP A 33 -6.82 -21.56 -17.49
N GLU A 34 -7.25 -21.54 -16.22
CA GLU A 34 -6.33 -21.51 -15.06
C GLU A 34 -5.31 -20.36 -15.14
N THR A 35 -5.72 -19.24 -15.75
CA THR A 35 -4.85 -18.09 -15.96
C THR A 35 -5.45 -16.82 -15.35
N GLU A 36 -4.65 -15.78 -15.25
CA GLU A 36 -5.14 -14.41 -15.08
C GLU A 36 -4.44 -13.52 -16.10
N ILE A 37 -5.23 -12.81 -16.90
CA ILE A 37 -4.69 -11.77 -17.77
C ILE A 37 -4.73 -10.44 -17.02
N PHE A 38 -3.65 -9.68 -17.09
CA PHE A 38 -3.62 -8.31 -16.60
C PHE A 38 -3.15 -7.36 -17.71
N ARG A 39 -3.73 -6.17 -17.73
CA ARG A 39 -3.40 -5.16 -18.72
C ARG A 39 -3.18 -3.84 -18.01
N PRO A 40 -2.35 -2.95 -18.57
CA PRO A 40 -2.20 -1.62 -18.01
C PRO A 40 -3.46 -0.81 -18.28
N SER A 41 -3.83 0.05 -17.32
CA SER A 41 -5.06 0.83 -17.41
C SER A 41 -4.88 2.08 -18.27
N GLY A 42 -5.95 2.49 -18.95
CA GLY A 42 -5.96 3.76 -19.67
C GLY A 42 -6.69 4.85 -18.91
N GLY A 43 -7.17 4.51 -17.71
CA GLY A 43 -7.99 5.44 -16.93
C GLY A 43 -7.15 6.44 -16.16
N ASP A 44 -7.78 7.54 -15.76
CA ASP A 44 -7.11 8.52 -14.91
C ASP A 44 -6.57 7.77 -13.69
N MET A 45 -5.33 8.07 -13.34
CA MET A 45 -4.62 7.38 -12.28
C MET A 45 -5.01 7.91 -10.90
N ARG A 46 -5.89 8.92 -10.89
CA ARG A 46 -6.49 9.45 -9.66
C ARG A 46 -7.94 8.98 -9.53
N ASP A 47 -8.41 8.22 -10.51
CA ASP A 47 -9.74 7.61 -10.44
C ASP A 47 -9.60 6.19 -9.90
N ILE A 48 -8.92 6.09 -8.77
CA ILE A 48 -8.58 4.81 -8.15
C ILE A 48 -8.04 5.12 -6.75
N ALA A 49 -8.92 5.06 -5.76
CA ALA A 49 -8.52 5.35 -4.38
C ALA A 49 -7.90 4.09 -3.77
N ARG A 50 -7.28 4.27 -2.61
CA ARG A 50 -6.40 3.27 -2.02
C ARG A 50 -5.18 3.01 -2.90
N CYS A 51 -4.65 4.07 -3.51
CA CYS A 51 -3.41 4.01 -4.28
C CYS A 51 -2.75 5.38 -4.31
N GLN A 52 -2.66 5.98 -3.14
CA GLN A 52 -2.30 7.39 -3.01
C GLN A 52 -0.78 7.53 -3.07
N ILE A 53 -0.20 7.06 -4.16
CA ILE A 53 1.26 6.96 -4.32
C ILE A 53 1.83 7.86 -5.42
N ALA A 54 0.98 8.66 -6.05
CA ALA A 54 1.39 9.50 -7.16
C ALA A 54 1.95 10.80 -6.64
N GLY A 55 3.09 11.20 -7.20
CA GLY A 55 3.65 12.52 -6.93
C GLY A 55 2.96 13.55 -7.79
N THR A 56 3.71 14.07 -8.76
CA THR A 56 3.40 15.34 -9.41
C THR A 56 3.07 15.19 -10.90
N VAL A 57 3.78 14.31 -11.61
CA VAL A 57 3.62 14.20 -13.07
C VAL A 57 2.34 13.47 -13.43
N VAL A 58 1.64 14.00 -14.44
CA VAL A 58 0.40 13.39 -14.94
C VAL A 58 0.76 12.34 -15.98
N SER A 59 0.24 11.12 -15.79
CA SER A 59 0.50 10.02 -16.72
C SER A 59 -0.69 9.08 -16.83
N THR A 60 -0.52 8.05 -17.69
CA THR A 60 -1.39 6.90 -17.72
C THR A 60 -0.53 5.64 -17.66
N GLN A 61 -1.06 4.60 -17.01
CA GLN A 61 -0.51 3.24 -17.00
C GLN A 61 0.51 3.06 -15.90
N LEU A 62 1.52 3.91 -15.89
CA LEU A 62 2.54 3.85 -14.85
C LEU A 62 2.60 5.16 -14.07
N PHE A 63 3.25 5.10 -12.91
CA PHE A 63 3.49 6.31 -12.14
C PHE A 63 4.94 6.71 -12.34
N LEU A 64 5.12 7.84 -13.04
CA LEU A 64 6.44 8.45 -13.20
C LEU A 64 6.76 9.27 -11.95
N ASN A 65 7.93 9.03 -11.36
CA ASN A 65 8.26 9.58 -10.05
C ASN A 65 7.11 9.24 -9.09
N GLY A 66 7.04 9.87 -7.93
CA GLY A 66 6.03 9.50 -6.92
C GLY A 66 6.53 8.42 -5.98
N SER A 67 5.61 7.89 -5.18
CA SER A 67 5.97 7.13 -3.97
C SER A 67 6.35 5.67 -4.19
N LEU A 68 7.40 5.24 -3.48
CA LEU A 68 7.86 3.84 -3.46
C LEU A 68 7.46 3.16 -2.16
N ALA A 69 7.58 1.83 -2.12
CA ALA A 69 7.29 1.04 -0.92
C ALA A 69 8.49 1.00 0.02
N GLU A 70 8.28 0.49 1.24
CA GLU A 70 9.33 0.44 2.25
C GLU A 70 10.50 -0.41 1.76
N GLU A 71 10.22 -1.61 1.27
CA GLU A 71 11.17 -2.38 0.44
C GLU A 71 10.63 -3.75 -0.05
N GLU A 72 9.35 -3.81 -0.38
CA GLU A 72 8.76 -4.96 -1.10
C GLU A 72 7.63 -4.45 -1.98
N VAL A 73 7.48 -5.00 -3.18
CA VAL A 73 6.37 -4.60 -4.05
C VAL A 73 5.05 -4.86 -3.33
N VAL A 74 4.19 -3.84 -3.30
CA VAL A 74 2.92 -3.91 -2.58
C VAL A 74 1.79 -3.68 -3.57
N ILE A 75 0.87 -4.64 -3.64
CA ILE A 75 -0.22 -4.59 -4.59
C ILE A 75 -1.55 -4.58 -3.82
N ARG A 76 -2.43 -3.66 -4.20
CA ARG A 76 -3.64 -3.38 -3.44
C ARG A 76 -4.83 -3.16 -4.37
N SER A 77 -6.02 -3.35 -3.82
CA SER A 77 -7.27 -3.11 -4.57
C SER A 77 -8.42 -2.97 -3.58
N VAL A 78 -9.51 -2.33 -4.01
CA VAL A 78 -10.69 -2.23 -3.16
C VAL A 78 -11.47 -3.55 -3.17
N ASP A 79 -11.38 -4.32 -4.25
CA ASP A 79 -11.80 -5.74 -4.25
C ASP A 79 -11.26 -6.49 -5.48
N PHE A 80 -10.26 -7.34 -5.25
CA PHE A 80 -9.64 -8.13 -6.31
C PHE A 80 -10.61 -9.04 -7.05
N ARG A 81 -11.66 -9.50 -6.34
CA ARG A 81 -12.70 -10.36 -6.91
C ARG A 81 -13.58 -9.65 -7.94
N ASP A 82 -13.73 -8.32 -7.79
CA ASP A 82 -14.46 -7.49 -8.76
C ASP A 82 -13.47 -6.97 -9.80
N ASN A 83 -13.71 -7.32 -11.06
CA ASN A 83 -12.79 -7.00 -12.15
C ASN A 83 -12.97 -5.58 -12.69
N ALA A 84 -14.06 -4.92 -12.30
CA ALA A 84 -14.25 -3.49 -12.58
C ALA A 84 -13.36 -2.62 -11.69
N LYS A 85 -12.84 -3.20 -10.61
CA LYS A 85 -11.94 -2.46 -9.72
C LYS A 85 -10.47 -2.64 -10.10
N SER A 86 -9.78 -1.53 -10.35
CA SER A 86 -8.38 -1.56 -10.77
C SER A 86 -7.47 -1.96 -9.62
N ILE A 87 -6.29 -2.44 -9.97
CA ILE A 87 -5.31 -2.90 -9.01
C ILE A 87 -4.17 -1.90 -8.96
N CYS A 88 -3.84 -1.46 -7.75
CA CYS A 88 -2.75 -0.55 -7.53
C CYS A 88 -1.48 -1.37 -7.41
N VAL A 89 -0.44 -0.97 -8.14
CA VAL A 89 0.88 -1.60 -8.03
C VAL A 89 1.87 -0.52 -7.63
N GLN A 90 2.53 -0.73 -6.49
CA GLN A 90 3.59 0.17 -6.04
C GLN A 90 4.85 -0.65 -5.91
N LEU A 91 5.92 -0.17 -6.55
CA LEU A 91 7.21 -0.84 -6.54
C LEU A 91 7.97 -0.54 -5.23
N ASP A 92 9.12 -1.20 -5.09
CA ASP A 92 10.07 -0.95 -4.02
C ASP A 92 11.36 -0.34 -4.59
N THR A 93 11.72 -0.77 -5.80
CA THR A 93 12.79 -0.15 -6.57
C THR A 93 12.16 0.44 -7.81
N SER A 94 12.73 1.52 -8.32
CA SER A 94 12.20 2.16 -9.52
C SER A 94 13.01 1.81 -10.78
N VAL A 95 12.29 1.50 -11.85
CA VAL A 95 12.91 1.33 -13.15
C VAL A 95 12.90 2.69 -13.86
N GLU A 96 14.09 3.16 -14.26
CA GLU A 96 14.24 4.46 -14.91
C GLU A 96 13.92 4.37 -16.39
N ILE A 97 13.25 5.41 -16.90
CA ILE A 97 12.98 5.55 -18.32
C ILE A 97 13.89 6.66 -18.85
N ASP A 98 14.72 6.35 -19.85
CA ASP A 98 15.68 7.32 -20.38
C ASP A 98 15.27 7.77 -21.78
N CYS A 99 14.60 8.92 -21.84
CA CYS A 99 14.18 9.51 -23.10
C CYS A 99 15.35 10.26 -23.70
N THR A 100 15.87 9.78 -24.82
CA THR A 100 17.08 10.36 -25.44
C THR A 100 16.80 11.48 -26.44
N GLY A 101 15.55 11.71 -26.80
CA GLY A 101 15.19 12.80 -27.71
C GLY A 101 14.96 12.39 -29.15
N ALA A 102 15.56 11.29 -29.58
CA ALA A 102 15.40 10.81 -30.96
C ALA A 102 13.93 10.55 -31.28
N GLY A 103 13.23 9.94 -30.34
CA GLY A 103 11.84 9.50 -30.54
C GLY A 103 11.38 8.37 -29.63
N HIS A 104 12.31 7.78 -28.89
CA HIS A 104 12.03 6.66 -28.01
C HIS A 104 12.60 6.91 -26.62
N CYS A 105 11.85 6.51 -25.59
CA CYS A 105 12.38 6.40 -24.22
C CYS A 105 12.76 4.93 -24.00
N ASP A 106 13.87 4.72 -23.30
CA ASP A 106 14.49 3.40 -23.14
C ASP A 106 14.39 2.85 -21.72
N ILE A 107 14.29 1.53 -21.60
CA ILE A 107 14.16 0.80 -20.32
C ILE A 107 15.13 -0.37 -20.31
N SER A 108 15.86 -0.57 -19.21
CA SER A 108 16.71 -1.76 -19.09
C SER A 108 15.84 -3.01 -19.04
N ARG A 109 16.01 -3.87 -20.03
CA ARG A 109 15.24 -5.12 -20.13
C ARG A 109 15.35 -5.98 -18.87
N ALA A 110 16.56 -6.08 -18.32
CA ALA A 110 16.81 -6.79 -17.06
C ALA A 110 16.03 -6.19 -15.87
N LYS A 111 16.00 -4.86 -15.77
CA LYS A 111 15.28 -4.20 -14.66
C LYS A 111 13.78 -4.47 -14.74
N TRP A 112 13.23 -4.36 -15.95
CA TRP A 112 11.80 -4.61 -16.15
C TRP A 112 11.44 -6.06 -15.84
N ASP A 113 12.05 -7.01 -16.56
CA ASP A 113 11.83 -8.42 -16.34
C ASP A 113 11.65 -8.77 -14.85
N ASN A 114 12.58 -8.35 -14.00
CA ASN A 114 12.57 -8.69 -12.56
C ASN A 114 11.60 -7.85 -11.72
N THR A 115 11.18 -6.71 -12.26
CA THR A 115 10.06 -5.96 -11.69
C THR A 115 8.76 -6.70 -12.04
N LEU A 116 8.74 -7.36 -13.20
CA LEU A 116 7.60 -8.18 -13.63
C LEU A 116 7.53 -9.53 -12.89
N LYS A 117 8.68 -10.07 -12.52
CA LYS A 117 8.75 -11.35 -11.79
C LYS A 117 8.20 -11.16 -10.37
N GLN A 118 8.50 -10.01 -9.79
CA GLN A 118 8.02 -9.65 -8.46
C GLN A 118 6.52 -9.33 -8.46
N ILE A 119 6.05 -8.50 -9.40
CA ILE A 119 4.60 -8.21 -9.51
C ILE A 119 3.79 -9.49 -9.68
N ALA A 120 4.25 -10.38 -10.56
CA ALA A 120 3.54 -11.63 -10.85
C ALA A 120 3.49 -12.57 -9.64
N SER A 121 4.57 -12.59 -8.85
CA SER A 121 4.60 -13.41 -7.64
C SER A 121 3.81 -12.76 -6.50
N LYS A 122 3.56 -11.45 -6.61
CA LYS A 122 2.65 -10.77 -5.69
C LYS A 122 1.19 -10.99 -6.10
N LEU A 123 0.91 -10.92 -7.40
CA LEU A 123 -0.43 -11.24 -7.92
C LEU A 123 -0.79 -12.71 -7.66
N ARG A 124 0.24 -13.56 -7.67
CA ARG A 124 0.13 -14.99 -7.42
C ARG A 124 -0.14 -15.32 -5.95
N GLU A 125 0.19 -14.39 -5.07
CA GLU A 125 -0.19 -14.48 -3.66
C GLU A 125 -1.70 -14.28 -3.49
N GLN A 126 -2.23 -13.25 -4.15
CA GLN A 126 -3.65 -12.91 -4.07
C GLN A 126 -4.54 -13.95 -4.73
N PHE A 127 -4.24 -14.28 -5.98
CA PHE A 127 -5.11 -15.12 -6.81
C PHE A 127 -4.70 -16.59 -6.80
N GLY A 128 -3.44 -16.87 -6.48
CA GLY A 128 -2.99 -18.23 -6.24
C GLY A 128 -2.12 -18.80 -7.35
N ASP A 129 -1.99 -20.13 -7.35
CA ASP A 129 -1.24 -20.87 -8.35
C ASP A 129 -1.98 -20.84 -9.70
N ARG A 130 -1.78 -19.77 -10.45
CA ARG A 130 -2.27 -19.70 -11.82
C ARG A 130 -1.40 -18.81 -12.72
N THR A 131 -1.44 -19.08 -14.02
CA THR A 131 -0.67 -18.34 -15.01
C THR A 131 -1.02 -16.86 -15.00
N ILE A 132 0.00 -16.00 -14.89
CA ILE A 132 -0.19 -14.55 -14.91
C ILE A 132 0.27 -14.02 -16.26
N ILE A 133 -0.69 -13.63 -17.09
CA ILE A 133 -0.40 -13.11 -18.41
C ILE A 133 -0.49 -11.59 -18.38
N PHE A 134 0.61 -10.95 -18.79
CA PHE A 134 0.63 -9.49 -18.99
C PHE A 134 0.39 -9.23 -20.46
N LYS A 135 -0.58 -8.38 -20.76
CA LYS A 135 -0.99 -8.09 -22.13
C LYS A 135 -1.35 -6.61 -22.34
N GLN A 136 -1.61 -6.27 -23.60
CA GLN A 136 -1.80 -4.88 -24.02
C GLN A 136 -3.20 -4.41 -23.62
N SER A 137 -3.33 -3.13 -23.29
CA SER A 137 -4.64 -2.53 -23.04
C SER A 137 -5.49 -2.76 -24.30
N SER A 138 -6.71 -3.28 -24.13
CA SER A 138 -7.48 -3.78 -25.27
C SER A 138 -8.35 -2.73 -25.96
N GLY A 139 -7.98 -1.45 -25.85
CA GLY A 139 -8.57 -0.42 -26.71
C GLY A 139 -9.38 0.66 -26.00
N GLY A 140 -10.26 1.29 -26.76
CA GLY A 140 -11.01 2.48 -26.33
C GLY A 140 -10.75 3.63 -27.30
N ASP A 141 -9.48 3.83 -27.66
CA ASP A 141 -9.05 4.93 -28.53
C ASP A 141 -7.55 4.79 -28.75
N PRO A 142 -6.95 5.68 -29.59
CA PRO A 142 -5.48 5.76 -29.59
C PRO A 142 -4.94 6.25 -28.25
N GLU A 143 -5.75 7.02 -27.53
CA GLU A 143 -5.51 7.37 -26.12
C GLU A 143 -6.25 6.35 -25.25
N PHE A 144 -5.55 5.82 -24.24
CA PHE A 144 -5.90 4.60 -23.48
C PHE A 144 -4.83 3.54 -23.75
N VAL A 145 -4.68 3.21 -25.02
CA VAL A 145 -3.80 2.11 -25.46
C VAL A 145 -2.32 2.37 -25.13
N THR A 146 -1.97 3.64 -24.99
CA THR A 146 -0.58 4.05 -24.74
C THR A 146 -0.30 4.43 -23.29
N HIS A 147 0.99 4.46 -22.97
CA HIS A 147 1.49 5.14 -21.79
C HIS A 147 1.71 6.61 -22.16
N SER A 148 0.81 7.47 -21.71
CA SER A 148 0.88 8.90 -21.97
C SER A 148 1.46 9.62 -20.77
N PHE A 149 2.08 10.79 -20.97
CA PHE A 149 2.56 11.59 -19.84
C PHE A 149 2.74 13.07 -20.16
N ASN A 150 2.80 13.88 -19.10
CA ASN A 150 2.94 15.34 -19.21
C ASN A 150 4.32 15.79 -18.75
N CYS A 151 4.98 16.61 -19.56
CA CYS A 151 6.36 17.02 -19.28
C CYS A 151 6.76 18.27 -20.06
N GLY A 152 6.69 19.42 -19.40
CA GLY A 152 7.00 20.70 -20.02
C GLY A 152 5.79 21.35 -20.66
N GLY A 153 4.60 21.02 -20.15
CA GLY A 153 3.34 21.54 -20.64
C GLY A 153 2.70 20.76 -21.79
N GLU A 154 3.35 19.68 -22.22
CA GLU A 154 2.93 18.89 -23.39
C GLU A 154 2.74 17.40 -23.07
N PHE A 155 1.87 16.74 -23.82
CA PHE A 155 1.64 15.30 -23.68
C PHE A 155 2.48 14.51 -24.67
N PHE A 156 3.11 13.44 -24.19
CA PHE A 156 3.83 12.50 -25.03
C PHE A 156 3.18 11.12 -24.87
N TYR A 157 3.01 10.40 -25.98
CA TYR A 157 2.32 9.11 -25.99
C TYR A 157 3.23 8.00 -26.49
N CYS A 158 3.57 7.06 -25.59
CA CYS A 158 4.54 6.01 -25.90
C CYS A 158 3.90 4.64 -26.11
N ASP A 159 4.24 4.02 -27.25
CA ASP A 159 3.81 2.65 -27.52
C ASP A 159 4.41 1.76 -26.44
N SER A 160 3.57 1.39 -25.47
CA SER A 160 4.02 0.60 -24.32
C SER A 160 3.83 -0.89 -24.56
N THR A 161 3.50 -1.27 -25.80
CA THR A 161 3.36 -2.66 -26.19
C THR A 161 4.75 -3.29 -26.33
N GLN A 162 5.27 -3.72 -25.18
CA GLN A 162 6.55 -4.43 -25.09
C GLN A 162 6.79 -4.75 -23.62
N LEU A 163 6.47 -3.78 -22.76
CA LEU A 163 6.44 -3.98 -21.33
C LEU A 163 5.35 -4.96 -20.90
N PHE A 164 4.25 -5.01 -21.65
CA PHE A 164 3.12 -5.89 -21.32
C PHE A 164 2.86 -6.89 -22.44
N ASP A 165 3.76 -7.85 -22.52
CA ASP A 165 3.70 -8.92 -23.49
C ASP A 165 4.57 -10.03 -22.93
N SER A 166 4.08 -10.63 -21.85
CA SER A 166 4.81 -11.63 -21.13
C SER A 166 3.83 -12.53 -20.38
N THR A 167 4.30 -13.72 -20.05
CA THR A 167 3.57 -14.67 -19.26
C THR A 167 4.54 -15.16 -18.20
N TRP A 168 4.07 -15.25 -16.96
CA TRP A 168 4.92 -15.69 -15.87
C TRP A 168 4.24 -16.81 -15.09
N PHE A 169 5.05 -17.80 -14.70
CA PHE A 169 4.62 -18.90 -13.83
C PHE A 169 3.54 -19.78 -14.44
N ASP A 170 3.59 -19.91 -15.76
CA ASP A 170 2.60 -20.66 -16.53
C ASP A 170 1.68 -21.53 -15.67
N ASP B 1 -13.81 -1.89 33.25
CA ASP B 1 -14.10 -0.97 32.10
C ASP B 1 -13.73 -1.65 30.76
N THR B 2 -14.35 -1.14 29.69
CA THR B 2 -14.20 -1.67 28.33
C THR B 2 -13.79 -0.54 27.39
N ILE B 3 -12.81 -0.80 26.52
CA ILE B 3 -12.45 0.15 25.47
C ILE B 3 -13.42 -0.06 24.31
N THR B 4 -14.06 1.01 23.86
CA THR B 4 -15.02 0.94 22.78
C THR B 4 -14.53 1.83 21.63
N LEU B 5 -14.23 1.19 20.50
CA LEU B 5 -13.73 1.88 19.32
C LEU B 5 -14.84 1.94 18.26
N PRO B 6 -15.23 3.16 17.82
CA PRO B 6 -16.27 3.31 16.78
C PRO B 6 -15.75 3.08 15.36
N CYS B 7 -16.57 2.47 14.50
CA CYS B 7 -16.17 2.13 13.12
C CYS B 7 -17.22 2.41 12.06
N ARG B 8 -16.76 2.66 10.83
CA ARG B 8 -17.62 2.86 9.65
C ARG B 8 -17.40 1.79 8.56
N PRO B 9 -18.46 1.05 8.20
CA PRO B 9 -19.78 0.94 8.82
C PRO B 9 -19.73 0.08 10.08
N ALA B 10 -20.89 -0.35 10.56
CA ALA B 10 -20.97 -1.22 11.74
C ALA B 10 -20.53 -2.63 11.36
N PRO B 11 -19.35 -3.06 11.86
CA PRO B 11 -18.88 -4.39 11.50
C PRO B 11 -19.67 -5.46 12.23
N PRO B 12 -20.05 -6.55 11.55
CA PRO B 12 -20.87 -7.59 12.16
C PRO B 12 -20.03 -8.55 13.02
N PRO B 13 -20.70 -9.38 13.84
CA PRO B 13 -19.97 -10.19 14.83
C PRO B 13 -18.95 -11.20 14.30
N HIS B 14 -19.13 -11.67 13.07
CA HIS B 14 -18.18 -12.61 12.47
C HIS B 14 -16.86 -11.97 12.06
N CYS B 15 -16.78 -10.63 12.11
CA CYS B 15 -15.53 -9.90 11.92
C CYS B 15 -14.85 -9.54 13.24
N SER B 16 -15.23 -10.25 14.30
CA SER B 16 -14.49 -10.20 15.55
C SER B 16 -13.16 -10.92 15.37
N SER B 17 -12.08 -10.33 15.88
CA SER B 17 -10.73 -10.86 15.66
C SER B 17 -9.97 -11.06 16.96
N ASN B 18 -8.77 -11.63 16.81
CA ASN B 18 -7.75 -11.65 17.84
C ASN B 18 -6.57 -10.81 17.38
N ILE B 19 -6.16 -9.83 18.19
CA ILE B 19 -4.94 -9.06 17.90
C ILE B 19 -3.74 -9.92 18.26
N THR B 20 -2.82 -10.10 17.33
CA THR B 20 -1.71 -11.01 17.49
C THR B 20 -0.35 -10.34 17.34
N GLY B 21 -0.35 -9.05 17.02
CA GLY B 21 0.88 -8.31 16.75
C GLY B 21 0.51 -7.02 16.06
N LEU B 22 1.50 -6.17 15.77
CA LEU B 22 1.25 -4.86 15.17
C LEU B 22 2.53 -4.24 14.57
N ILE B 23 2.36 -3.20 13.75
CA ILE B 23 3.49 -2.43 13.21
C ILE B 23 3.48 -1.01 13.78
N LEU B 24 4.67 -0.47 14.07
CA LEU B 24 4.81 0.89 14.60
C LEU B 24 5.83 1.74 13.84
N THR B 25 5.57 3.05 13.79
CA THR B 25 6.54 4.06 13.34
C THR B 25 7.13 4.71 14.58
N ARG B 26 8.36 5.22 14.47
CA ARG B 26 8.95 6.02 15.53
C ARG B 26 9.34 7.39 15.00
N ASP B 27 8.97 8.43 15.76
CA ASP B 27 9.18 9.80 15.34
C ASP B 27 10.68 10.13 15.38
N GLY B 28 11.21 10.50 14.21
CA GLY B 28 12.63 10.81 14.08
C GLY B 28 12.96 12.15 14.67
N GLY B 29 13.04 12.20 16.00
CA GLY B 29 13.38 13.43 16.69
C GLY B 29 14.83 13.80 16.51
N VAL B 30 15.31 14.66 17.41
CA VAL B 30 16.72 15.04 17.46
C VAL B 30 16.88 15.81 18.77
N SER B 31 16.55 15.11 19.86
CA SER B 31 16.17 15.76 21.11
C SER B 31 17.20 15.61 22.22
N ASN B 32 17.30 16.65 23.05
CA ASN B 32 18.00 16.57 24.33
C ASN B 32 17.10 15.93 25.39
N ASP B 33 15.87 15.59 25.01
CA ASP B 33 14.89 14.95 25.90
C ASP B 33 15.16 13.45 26.07
N GLU B 34 14.44 12.84 27.00
CA GLU B 34 14.59 11.41 27.31
C GLU B 34 13.30 10.66 26.97
N THR B 35 12.69 11.05 25.85
CA THR B 35 11.41 10.51 25.41
C THR B 35 11.59 9.80 24.07
N GLU B 36 10.63 8.95 23.73
CA GLU B 36 10.52 8.36 22.40
C GLU B 36 9.03 8.18 22.06
N ILE B 37 8.62 8.63 20.88
CA ILE B 37 7.21 8.57 20.47
C ILE B 37 6.99 7.49 19.40
N PHE B 38 6.09 6.55 19.73
CA PHE B 38 5.75 5.42 18.84
C PHE B 38 4.33 5.57 18.29
N ARG B 39 4.18 5.45 16.98
CA ARG B 39 2.88 5.56 16.34
C ARG B 39 2.62 4.30 15.53
N PRO B 40 1.35 3.90 15.41
CA PRO B 40 0.99 2.78 14.54
C PRO B 40 1.14 3.18 13.08
N SER B 41 1.99 2.46 12.35
CA SER B 41 2.11 2.63 10.92
C SER B 41 0.72 2.64 10.29
N GLY B 42 0.53 3.52 9.31
CA GLY B 42 -0.67 3.51 8.48
C GLY B 42 -0.48 2.67 7.23
N GLY B 43 0.75 2.15 7.04
CA GLY B 43 1.14 1.53 5.78
C GLY B 43 0.61 0.13 5.54
N ASP B 44 1.05 -0.44 4.43
CA ASP B 44 0.72 -1.79 4.02
C ASP B 44 1.53 -2.77 4.87
N MET B 45 0.85 -3.75 5.47
CA MET B 45 1.44 -4.58 6.52
C MET B 45 2.28 -5.77 6.03
N ARG B 46 2.34 -5.97 4.72
CA ARG B 46 3.25 -6.93 4.11
C ARG B 46 4.51 -6.21 3.59
N ASP B 47 4.45 -4.88 3.56
CA ASP B 47 5.56 -4.06 3.08
C ASP B 47 6.50 -3.73 4.24
N ILE B 48 7.07 -4.77 4.84
CA ILE B 48 8.05 -4.62 5.92
C ILE B 48 8.98 -5.83 5.87
N ALA B 49 10.25 -5.61 6.19
CA ALA B 49 11.33 -6.52 5.84
C ALA B 49 11.62 -7.67 6.81
N ARG B 50 10.89 -7.76 7.92
CA ARG B 50 11.22 -8.77 8.94
C ARG B 50 10.05 -9.16 9.83
N CYS B 51 8.85 -9.19 9.28
CA CYS B 51 7.63 -9.30 10.08
C CYS B 51 6.63 -10.25 9.48
N GLN B 52 7.11 -11.40 9.01
CA GLN B 52 6.26 -12.38 8.35
C GLN B 52 5.48 -13.17 9.40
N ILE B 53 4.66 -12.45 10.16
CA ILE B 53 3.84 -13.00 11.22
C ILE B 53 2.36 -12.82 10.93
N ALA B 54 2.05 -12.49 9.67
CA ALA B 54 0.68 -12.21 9.26
C ALA B 54 -0.08 -13.49 8.98
N GLY B 55 -1.41 -13.39 9.06
CA GLY B 55 -2.30 -14.45 8.58
C GLY B 55 -3.07 -13.96 7.37
N THR B 56 -4.33 -14.38 7.28
CA THR B 56 -5.16 -14.15 6.10
C THR B 56 -5.92 -12.82 6.16
N VAL B 57 -6.03 -12.21 7.33
CA VAL B 57 -6.79 -10.97 7.45
C VAL B 57 -5.95 -9.78 6.97
N VAL B 58 -6.61 -8.95 6.16
CA VAL B 58 -6.01 -7.77 5.53
C VAL B 58 -6.43 -6.56 6.35
N SER B 59 -5.44 -5.90 6.98
CA SER B 59 -5.72 -4.81 7.91
C SER B 59 -4.58 -3.79 7.98
N THR B 60 -4.73 -2.78 8.85
CA THR B 60 -3.68 -1.80 9.13
C THR B 60 -3.51 -1.58 10.62
N GLN B 61 -2.32 -1.16 11.03
CA GLN B 61 -1.96 -0.89 12.43
C GLN B 61 -1.76 -2.18 13.24
N LEU B 62 -2.82 -2.99 13.32
CA LEU B 62 -2.82 -4.23 14.10
C LEU B 62 -2.85 -5.44 13.17
N PHE B 63 -2.32 -6.56 13.64
CA PHE B 63 -2.49 -7.82 12.94
C PHE B 63 -3.71 -8.48 13.54
N LEU B 64 -4.62 -8.90 12.67
CA LEU B 64 -5.81 -9.65 13.07
C LEU B 64 -5.57 -11.11 12.67
N ASN B 65 -5.81 -12.04 13.59
CA ASN B 65 -5.67 -13.47 13.32
C ASN B 65 -4.29 -13.89 12.76
N GLY B 66 -3.25 -13.15 13.12
CA GLY B 66 -1.89 -13.46 12.68
C GLY B 66 -1.24 -14.48 13.59
N SER B 67 0.07 -14.65 13.43
CA SER B 67 0.82 -15.60 14.24
C SER B 67 1.29 -14.92 15.53
N LEU B 68 1.36 -15.73 16.59
CA LEU B 68 1.73 -15.28 17.92
C LEU B 68 3.08 -15.86 18.34
N ALA B 69 3.72 -15.20 19.31
CA ALA B 69 5.02 -15.62 19.82
C ALA B 69 4.94 -16.85 20.72
N GLU B 70 6.08 -17.50 20.92
CA GLU B 70 6.18 -18.71 21.74
C GLU B 70 6.07 -18.37 23.22
N GLU B 71 6.96 -17.51 23.71
CA GLU B 71 7.07 -17.26 25.14
C GLU B 71 7.17 -15.79 25.55
N GLU B 72 7.14 -14.87 24.60
CA GLU B 72 7.53 -13.48 24.88
C GLU B 72 7.17 -12.56 23.74
N VAL B 73 6.77 -11.33 24.07
CA VAL B 73 6.56 -10.30 23.06
C VAL B 73 7.89 -9.98 22.39
N VAL B 74 7.93 -10.00 21.05
CA VAL B 74 9.17 -9.69 20.31
C VAL B 74 8.99 -8.47 19.39
N ILE B 75 9.96 -7.55 19.47
CA ILE B 75 9.98 -6.35 18.63
C ILE B 75 11.09 -6.47 17.59
N ARG B 76 10.79 -6.16 16.34
CA ARG B 76 11.75 -6.34 15.24
C ARG B 76 11.84 -5.12 14.34
N SER B 77 13.03 -4.84 13.86
CA SER B 77 13.23 -3.87 12.80
C SER B 77 14.53 -4.16 12.08
N VAL B 78 14.58 -3.81 10.79
CA VAL B 78 15.79 -3.98 10.01
C VAL B 78 16.83 -2.93 10.43
N ASP B 79 16.37 -1.86 11.08
CA ASP B 79 17.25 -0.83 11.67
C ASP B 79 16.49 0.02 12.69
N PHE B 80 16.69 -0.25 13.97
CA PHE B 80 16.03 0.51 15.05
C PHE B 80 16.53 1.95 15.17
N ARG B 81 17.75 2.21 14.69
CA ARG B 81 18.31 3.56 14.65
C ARG B 81 17.85 4.35 13.43
N ASP B 82 17.07 3.72 12.56
CA ASP B 82 16.52 4.36 11.37
C ASP B 82 15.02 4.57 11.53
N ASN B 83 14.63 5.81 11.86
CA ASN B 83 13.21 6.15 12.05
C ASN B 83 12.33 5.92 10.81
N ALA B 84 12.93 5.84 9.63
CA ALA B 84 12.18 5.50 8.40
C ALA B 84 11.70 4.04 8.40
N LYS B 85 12.53 3.12 8.87
CA LYS B 85 12.15 1.70 8.93
C LYS B 85 11.06 1.46 9.96
N SER B 86 10.09 0.61 9.63
CA SER B 86 8.96 0.32 10.52
C SER B 86 9.35 -0.71 11.58
N ILE B 87 8.56 -0.80 12.64
CA ILE B 87 8.87 -1.70 13.76
C ILE B 87 7.80 -2.79 13.84
N CYS B 88 8.25 -4.04 13.97
CA CYS B 88 7.36 -5.17 13.96
C CYS B 88 7.15 -5.71 15.37
N VAL B 89 5.92 -5.67 15.85
CA VAL B 89 5.59 -6.13 17.20
C VAL B 89 4.79 -7.43 17.10
N GLN B 90 5.25 -8.45 17.81
CA GLN B 90 4.58 -9.74 17.84
C GLN B 90 4.18 -10.06 19.27
N LEU B 91 2.88 -10.20 19.51
CA LEU B 91 2.35 -10.54 20.82
C LEU B 91 2.48 -12.05 21.06
N ASP B 92 2.68 -12.44 22.31
CA ASP B 92 2.71 -13.84 22.73
C ASP B 92 1.37 -14.30 23.32
N THR B 93 0.46 -13.35 23.53
CA THR B 93 -0.85 -13.61 24.09
C THR B 93 -1.82 -12.63 23.45
N SER B 94 -2.71 -13.15 22.61
CA SER B 94 -3.60 -12.30 21.81
C SER B 94 -4.63 -11.54 22.66
N VAL B 95 -5.20 -10.51 22.03
CA VAL B 95 -6.23 -9.67 22.65
C VAL B 95 -7.44 -9.65 21.73
N GLU B 96 -8.55 -10.21 22.20
CA GLU B 96 -9.76 -10.33 21.39
C GLU B 96 -10.35 -8.96 21.08
N ILE B 97 -10.67 -8.72 19.81
CA ILE B 97 -11.53 -7.60 19.43
C ILE B 97 -12.92 -8.19 19.25
N ASP B 98 -13.90 -7.59 19.91
CA ASP B 98 -15.26 -8.10 19.94
C ASP B 98 -16.14 -7.11 19.21
N CYS B 99 -16.43 -7.40 17.95
CA CYS B 99 -17.35 -6.59 17.18
C CYS B 99 -18.75 -7.07 17.48
N THR B 100 -19.54 -6.19 18.12
CA THR B 100 -20.88 -6.50 18.58
C THR B 100 -21.89 -6.33 17.47
N GLY B 101 -21.59 -5.45 16.53
CA GLY B 101 -22.54 -5.04 15.50
C GLY B 101 -23.24 -3.74 15.85
N ALA B 102 -22.98 -3.17 17.02
CA ALA B 102 -23.66 -1.93 17.43
C ALA B 102 -23.11 -0.66 16.76
N GLY B 103 -22.07 -0.79 15.95
CA GLY B 103 -21.38 0.36 15.34
C GLY B 103 -19.98 0.56 15.89
N HIS B 104 -19.58 -0.32 16.80
CA HIS B 104 -18.27 -0.22 17.44
C HIS B 104 -17.74 -1.62 17.70
N CYS B 105 -16.44 -1.72 17.98
CA CYS B 105 -15.82 -2.99 18.35
C CYS B 105 -15.02 -2.83 19.65
N ASP B 106 -15.20 -3.78 20.57
CA ASP B 106 -14.75 -3.61 21.96
C ASP B 106 -13.47 -4.37 22.30
N ILE B 107 -12.59 -3.69 23.03
CA ILE B 107 -11.32 -4.22 23.50
C ILE B 107 -11.32 -4.09 25.01
N SER B 108 -10.78 -5.08 25.71
CA SER B 108 -10.65 -4.99 27.16
C SER B 108 -9.56 -3.99 27.53
N ARG B 109 -9.84 -3.16 28.54
CA ARG B 109 -8.92 -2.11 28.98
C ARG B 109 -7.68 -2.68 29.63
N ALA B 110 -7.87 -3.67 30.51
CA ALA B 110 -6.77 -4.31 31.24
C ALA B 110 -5.83 -5.09 30.32
N LYS B 111 -6.40 -5.95 29.47
CA LYS B 111 -5.60 -6.79 28.55
C LYS B 111 -4.64 -5.95 27.72
N TRP B 112 -5.14 -4.85 27.16
CA TRP B 112 -4.38 -3.95 26.29
C TRP B 112 -3.33 -3.15 27.06
N ASP B 113 -3.71 -2.59 28.20
CA ASP B 113 -2.73 -1.99 29.11
C ASP B 113 -1.61 -2.97 29.48
N ASN B 114 -1.95 -4.23 29.72
CA ASN B 114 -0.94 -5.27 29.95
C ASN B 114 -0.06 -5.44 28.71
N THR B 115 -0.69 -5.39 27.53
CA THR B 115 0.01 -5.48 26.25
C THR B 115 0.94 -4.31 26.03
N LEU B 116 0.40 -3.09 26.13
CA LEU B 116 1.18 -1.86 26.01
C LEU B 116 2.40 -1.84 26.92
N LYS B 117 2.23 -2.30 28.15
CA LYS B 117 3.35 -2.39 29.07
C LYS B 117 4.40 -3.36 28.53
N GLN B 118 3.95 -4.51 28.04
CA GLN B 118 4.85 -5.56 27.57
C GLN B 118 5.67 -5.11 26.38
N ILE B 119 5.06 -4.34 25.47
CA ILE B 119 5.80 -3.78 24.32
C ILE B 119 6.68 -2.63 24.79
N ALA B 120 6.11 -1.72 25.56
CA ALA B 120 6.85 -0.60 26.12
C ALA B 120 8.09 -1.05 26.88
N SER B 121 8.02 -2.18 27.61
CA SER B 121 9.19 -2.74 28.29
C SER B 121 10.23 -3.32 27.32
N LYS B 122 9.78 -3.97 26.25
CA LYS B 122 10.71 -4.46 25.22
C LYS B 122 11.33 -3.32 24.38
N LEU B 123 10.60 -2.21 24.22
CA LEU B 123 11.14 -1.04 23.53
C LEU B 123 12.24 -0.35 24.34
N ARG B 124 12.19 -0.50 25.67
CA ARG B 124 13.26 0.02 26.53
C ARG B 124 14.47 -0.91 26.58
N GLU B 125 14.26 -2.19 26.31
CA GLU B 125 15.36 -3.15 26.20
C GLU B 125 16.23 -2.77 25.00
N GLN B 126 15.59 -2.35 23.91
CA GLN B 126 16.30 -1.87 22.72
C GLN B 126 16.90 -0.47 22.93
N PHE B 127 16.04 0.50 23.23
CA PHE B 127 16.41 1.92 23.22
C PHE B 127 16.99 2.43 24.55
N GLY B 128 16.71 1.71 25.64
CA GLY B 128 17.23 2.06 26.97
C GLY B 128 16.18 2.63 27.94
N ASP B 129 16.64 3.26 29.01
CA ASP B 129 15.75 3.87 30.01
C ASP B 129 15.24 5.24 29.54
N ARG B 130 14.31 5.23 28.58
CA ARG B 130 13.63 6.47 28.17
C ARG B 130 12.11 6.32 28.20
N THR B 131 11.42 7.45 28.14
CA THR B 131 9.97 7.49 28.24
C THR B 131 9.34 6.98 26.96
N ILE B 132 8.43 6.03 27.08
CA ILE B 132 7.74 5.44 25.93
C ILE B 132 6.34 6.00 25.81
N ILE B 133 6.09 6.80 24.77
CA ILE B 133 4.75 7.34 24.49
C ILE B 133 4.13 6.69 23.25
N PHE B 134 2.80 6.59 23.25
CA PHE B 134 2.02 6.05 22.15
C PHE B 134 1.07 7.14 21.66
N LYS B 135 0.97 7.30 20.33
CA LYS B 135 0.23 8.42 19.74
C LYS B 135 -0.30 8.08 18.33
N GLN B 136 -1.04 9.03 17.75
CA GLN B 136 -1.55 8.99 16.35
C GLN B 136 -3.06 9.24 16.32
N SER B 137 -3.42 10.44 15.89
CA SER B 137 -4.79 10.76 15.46
C SER B 137 -4.79 11.34 14.03
N SER B 138 -3.68 11.99 13.65
CA SER B 138 -3.25 12.27 12.26
C SER B 138 -2.44 13.57 12.21
N PRO B 142 -7.39 9.45 7.03
CA PRO B 142 -8.26 8.45 7.64
C PRO B 142 -8.05 7.03 7.12
N GLU B 143 -7.37 6.89 5.97
CA GLU B 143 -6.99 5.57 5.45
C GLU B 143 -5.75 5.05 6.17
N PHE B 144 -4.83 5.95 6.50
CA PHE B 144 -3.59 5.61 7.17
C PHE B 144 -3.66 5.91 8.67
N VAL B 145 -4.77 6.50 9.12
CA VAL B 145 -4.96 6.85 10.52
C VAL B 145 -5.77 5.78 11.26
N THR B 146 -6.93 5.42 10.70
CA THR B 146 -7.80 4.46 11.37
C THR B 146 -7.23 3.06 11.35
N HIS B 147 -7.91 2.16 12.03
CA HIS B 147 -7.62 0.74 11.97
C HIS B 147 -8.53 0.14 10.92
N SER B 148 -7.97 -0.15 9.74
CA SER B 148 -8.75 -0.72 8.65
C SER B 148 -8.66 -2.24 8.67
N PHE B 149 -9.74 -2.90 8.28
CA PHE B 149 -9.73 -4.36 8.15
C PHE B 149 -10.80 -4.86 7.18
N ASN B 150 -10.39 -5.79 6.32
CA ASN B 150 -11.28 -6.35 5.32
C ASN B 150 -11.88 -7.65 5.83
N CYS B 151 -13.20 -7.68 5.96
CA CYS B 151 -13.90 -8.88 6.39
C CYS B 151 -15.21 -9.04 5.63
N GLY B 152 -15.34 -10.14 4.90
CA GLY B 152 -16.56 -10.46 4.16
C GLY B 152 -16.72 -9.63 2.89
N GLY B 153 -15.60 -9.11 2.38
CA GLY B 153 -15.59 -8.33 1.14
C GLY B 153 -15.62 -6.83 1.30
N GLU B 154 -16.11 -6.34 2.44
CA GLU B 154 -16.23 -4.90 2.70
C GLU B 154 -15.10 -4.43 3.62
N PHE B 155 -14.55 -3.25 3.33
CA PHE B 155 -13.51 -2.63 4.16
C PHE B 155 -14.15 -1.86 5.31
N PHE B 156 -13.58 -2.02 6.50
CA PHE B 156 -14.05 -1.33 7.71
C PHE B 156 -12.92 -0.51 8.30
N TYR B 157 -13.23 0.73 8.71
CA TYR B 157 -12.24 1.64 9.27
C TYR B 157 -12.63 2.04 10.69
N CYS B 158 -11.93 1.51 11.69
CA CYS B 158 -12.22 1.78 13.10
C CYS B 158 -11.36 2.88 13.70
N ASP B 159 -11.96 3.71 14.55
CA ASP B 159 -11.22 4.73 15.30
C ASP B 159 -10.44 4.07 16.44
N SER B 160 -9.11 4.11 16.34
CA SER B 160 -8.23 3.39 17.24
C SER B 160 -7.46 4.30 18.21
N THR B 161 -7.88 5.57 18.30
CA THR B 161 -7.15 6.54 19.12
C THR B 161 -7.01 6.10 20.59
N GLN B 162 -8.00 5.38 21.11
CA GLN B 162 -7.97 4.92 22.50
C GLN B 162 -6.96 3.81 22.79
N LEU B 163 -6.48 3.13 21.75
CA LEU B 163 -5.43 2.13 21.91
C LEU B 163 -4.03 2.76 21.92
N PHE B 164 -3.92 3.97 21.37
CA PHE B 164 -2.63 4.61 21.17
C PHE B 164 -2.59 6.01 21.76
N ASP B 165 -2.63 6.10 23.09
CA ASP B 165 -2.71 7.39 23.79
C ASP B 165 -2.35 7.20 25.26
N SER B 166 -1.08 6.91 25.51
CA SER B 166 -0.57 6.71 26.86
C SER B 166 0.95 6.83 26.91
N THR B 167 1.46 7.22 28.08
CA THR B 167 2.89 7.31 28.34
C THR B 167 3.26 6.21 29.32
N TRP B 168 4.46 5.64 29.15
CA TRP B 168 4.88 4.49 29.95
C TRP B 168 6.29 4.67 30.47
N PHE B 169 6.50 4.28 31.73
CA PHE B 169 7.81 4.34 32.37
C PHE B 169 8.45 5.69 32.13
N ASP B 170 7.69 6.73 32.46
CA ASP B 170 8.17 8.09 32.34
C ASP B 170 9.46 8.19 33.14
N SER B 171 10.43 8.95 32.63
CA SER B 171 11.66 9.23 33.37
C SER B 171 11.38 10.22 34.53
N THR B 172 10.25 10.91 34.45
CA THR B 172 9.85 11.97 35.40
C THR B 172 10.75 13.18 35.30
N ASP C 1 -4.94 -9.00 -31.39
CA ASP C 1 -4.16 -8.49 -32.56
C ASP C 1 -3.97 -9.55 -33.66
N THR C 2 -3.40 -9.09 -34.77
CA THR C 2 -3.19 -9.91 -35.96
C THR C 2 -1.74 -9.79 -36.41
N ILE C 3 -1.09 -10.92 -36.65
CA ILE C 3 0.22 -10.95 -37.29
C ILE C 3 -0.01 -10.77 -38.79
N THR C 4 0.76 -9.86 -39.40
CA THR C 4 0.57 -9.48 -40.80
C THR C 4 1.85 -9.76 -41.58
N LEU C 5 1.97 -10.97 -42.12
CA LEU C 5 3.16 -11.41 -42.85
C LEU C 5 3.17 -10.83 -44.28
N PRO C 6 4.26 -10.12 -44.66
CA PRO C 6 4.33 -9.56 -46.01
C PRO C 6 4.76 -10.60 -47.06
N CYS C 7 3.87 -10.91 -48.00
CA CYS C 7 4.16 -11.82 -49.11
C CYS C 7 4.45 -11.06 -50.41
N ARG C 8 5.11 -11.73 -51.34
CA ARG C 8 5.38 -11.15 -52.67
C ARG C 8 5.27 -12.22 -53.78
N PRO C 9 4.48 -11.95 -54.83
CA PRO C 9 3.56 -10.82 -54.98
C PRO C 9 2.30 -11.03 -54.14
N ALA C 10 1.35 -10.11 -54.22
CA ALA C 10 0.12 -10.17 -53.42
C ALA C 10 -0.71 -11.42 -53.76
N PRO C 11 -0.74 -12.41 -52.85
CA PRO C 11 -1.50 -13.62 -53.12
C PRO C 11 -3.02 -13.39 -53.08
N PRO C 12 -3.77 -14.00 -54.03
CA PRO C 12 -5.23 -13.94 -54.12
C PRO C 12 -5.99 -14.46 -52.88
N PRO C 13 -7.29 -14.12 -52.75
CA PRO C 13 -8.11 -14.58 -51.63
C PRO C 13 -8.36 -16.09 -51.61
N HIS C 14 -8.45 -16.73 -52.78
CA HIS C 14 -8.62 -18.18 -52.84
C HIS C 14 -7.34 -18.92 -52.39
N CYS C 15 -6.19 -18.25 -52.45
CA CYS C 15 -4.94 -18.80 -51.92
C CYS C 15 -4.88 -18.80 -50.37
N SER C 16 -5.94 -18.32 -49.71
CA SER C 16 -6.07 -18.45 -48.27
C SER C 16 -6.11 -19.95 -47.91
N SER C 17 -5.60 -20.27 -46.72
CA SER C 17 -5.42 -21.66 -46.32
C SER C 17 -5.66 -21.86 -44.84
N ASN C 18 -5.56 -23.11 -44.42
CA ASN C 18 -5.59 -23.49 -43.03
C ASN C 18 -4.30 -24.20 -42.67
N ILE C 19 -3.55 -23.67 -41.70
CA ILE C 19 -2.33 -24.31 -41.24
C ILE C 19 -2.67 -25.58 -40.46
N THR C 20 -2.00 -26.68 -40.81
CA THR C 20 -2.28 -28.00 -40.23
C THR C 20 -1.03 -28.69 -39.65
N GLY C 21 0.14 -28.14 -39.90
CA GLY C 21 1.38 -28.70 -39.40
C GLY C 21 2.56 -27.84 -39.83
N LEU C 22 3.76 -28.29 -39.49
CA LEU C 22 4.99 -27.57 -39.84
C LEU C 22 6.20 -28.49 -39.65
N ILE C 23 7.38 -27.99 -39.99
CA ILE C 23 8.61 -28.77 -39.88
C ILE C 23 9.69 -27.90 -39.24
N LEU C 24 10.34 -28.43 -38.21
CA LEU C 24 11.38 -27.69 -37.49
C LEU C 24 12.72 -28.42 -37.50
N THR C 25 13.80 -27.63 -37.56
CA THR C 25 15.16 -28.15 -37.46
C THR C 25 15.79 -27.66 -36.15
N ARG C 26 16.09 -28.62 -35.27
CA ARG C 26 16.69 -28.33 -33.97
C ARG C 26 18.21 -28.15 -34.08
N ASP C 27 18.75 -27.26 -33.25
CA ASP C 27 20.20 -27.04 -33.11
C ASP C 27 20.91 -28.33 -32.64
N GLY C 28 22.25 -28.36 -32.49
CA GLY C 28 23.16 -27.22 -32.47
C GLY C 28 23.54 -26.96 -31.02
N GLY C 29 24.29 -27.90 -30.46
CA GLY C 29 24.52 -27.97 -29.02
C GLY C 29 24.26 -29.40 -28.55
N VAL C 30 23.68 -29.62 -27.36
CA VAL C 30 23.39 -28.59 -26.36
C VAL C 30 24.46 -28.60 -25.28
N SER C 31 25.27 -27.54 -25.24
CA SER C 31 26.27 -27.37 -24.19
C SER C 31 26.16 -25.96 -23.59
N ASN C 32 24.98 -25.35 -23.75
CA ASN C 32 24.80 -23.93 -23.46
C ASN C 32 24.02 -23.66 -22.17
N ASP C 33 22.76 -23.22 -22.27
CA ASP C 33 22.05 -22.59 -21.16
C ASP C 33 20.68 -23.25 -20.86
N GLU C 34 20.63 -24.57 -20.98
CA GLU C 34 19.39 -25.35 -20.81
C GLU C 34 18.27 -24.96 -21.80
N THR C 35 18.62 -24.55 -23.02
CA THR C 35 17.64 -24.10 -24.01
C THR C 35 17.71 -24.90 -25.31
N GLU C 36 16.55 -25.13 -25.93
CA GLU C 36 16.47 -25.75 -27.26
C GLU C 36 15.90 -24.76 -28.26
N ILE C 37 16.71 -24.42 -29.26
CA ILE C 37 16.28 -23.56 -30.37
C ILE C 37 15.59 -24.42 -31.44
N PHE C 38 14.55 -23.87 -32.05
CA PHE C 38 13.87 -24.51 -33.18
C PHE C 38 13.58 -23.52 -34.29
N ARG C 39 14.16 -23.76 -35.46
CA ARG C 39 13.93 -22.94 -36.63
C ARG C 39 13.01 -23.69 -37.57
N PRO C 40 12.30 -22.97 -38.46
CA PRO C 40 11.53 -23.66 -39.48
C PRO C 40 12.45 -24.21 -40.56
N SER C 41 12.06 -25.33 -41.17
CA SER C 41 12.91 -26.07 -42.09
C SER C 41 12.77 -25.52 -43.51
N CYS C 51 7.15 -36.51 -43.72
CA CYS C 51 6.27 -36.00 -42.68
C CYS C 51 4.83 -36.43 -42.96
N GLN C 52 4.57 -36.94 -44.17
CA GLN C 52 3.34 -37.69 -44.49
C GLN C 52 2.02 -36.90 -44.43
N ILE C 53 1.97 -35.87 -43.60
CA ILE C 53 0.76 -35.07 -43.40
C ILE C 53 0.61 -33.93 -44.41
N ALA C 54 1.61 -33.73 -45.28
CA ALA C 54 1.51 -32.74 -46.34
C ALA C 54 0.49 -33.18 -47.38
N GLY C 55 -0.58 -32.40 -47.50
CA GLY C 55 -1.65 -32.69 -48.45
C GLY C 55 -1.32 -32.22 -49.85
N THR C 56 -2.33 -31.71 -50.55
CA THR C 56 -2.19 -31.34 -51.96
C THR C 56 -1.26 -30.14 -52.20
N VAL C 57 -1.18 -29.22 -51.24
CA VAL C 57 -0.43 -27.97 -51.41
C VAL C 57 1.08 -28.13 -51.20
N VAL C 58 1.86 -27.53 -52.08
CA VAL C 58 3.32 -27.54 -51.97
C VAL C 58 3.82 -26.24 -51.34
N SER C 59 4.30 -26.34 -50.11
CA SER C 59 4.81 -25.19 -49.37
C SER C 59 5.96 -25.56 -48.46
N THR C 60 6.83 -24.58 -48.17
CA THR C 60 7.94 -24.75 -47.23
C THR C 60 7.57 -24.23 -45.84
N GLN C 61 8.34 -24.68 -44.85
CA GLN C 61 8.17 -24.30 -43.43
C GLN C 61 6.87 -24.83 -42.79
N LEU C 62 5.71 -24.54 -43.41
CA LEU C 62 4.42 -25.01 -42.88
C LEU C 62 3.61 -25.87 -43.87
N PHE C 63 2.58 -26.53 -43.34
CA PHE C 63 1.65 -27.31 -44.16
C PHE C 63 0.31 -26.61 -44.28
N LEU C 64 0.03 -26.13 -45.48
CA LEU C 64 -1.25 -25.50 -45.79
C LEU C 64 -2.23 -26.60 -46.18
N ASN C 65 -3.41 -26.58 -45.57
CA ASN C 65 -4.43 -27.62 -45.73
C ASN C 65 -3.88 -29.00 -45.32
N GLY C 66 -4.62 -30.07 -45.62
CA GLY C 66 -4.15 -31.42 -45.31
C GLY C 66 -4.73 -31.99 -44.03
N SER C 67 -4.03 -32.97 -43.46
CA SER C 67 -4.54 -33.74 -42.34
C SER C 67 -4.27 -33.09 -40.97
N LEU C 68 -5.28 -33.15 -40.10
CA LEU C 68 -5.17 -32.68 -38.71
C LEU C 68 -5.16 -33.90 -37.80
N ALA C 69 -4.48 -33.78 -36.67
CA ALA C 69 -4.41 -34.87 -35.70
C ALA C 69 -5.76 -35.08 -35.01
N GLU C 70 -5.96 -36.27 -34.47
CA GLU C 70 -7.16 -36.60 -33.71
C GLU C 70 -7.12 -35.94 -32.32
N GLU C 71 -7.57 -34.70 -32.27
CA GLU C 71 -7.70 -33.91 -31.03
C GLU C 71 -6.54 -34.04 -30.02
N GLU C 72 -5.32 -33.79 -30.52
CA GLU C 72 -4.13 -33.51 -29.69
C GLU C 72 -2.90 -33.28 -30.56
N VAL C 73 -2.12 -32.25 -30.25
CA VAL C 73 -0.88 -31.96 -30.97
C VAL C 73 0.08 -33.15 -30.87
N VAL C 74 0.56 -33.60 -32.02
CA VAL C 74 1.48 -34.73 -32.11
C VAL C 74 2.67 -34.33 -32.96
N ILE C 75 3.87 -34.61 -32.46
CA ILE C 75 5.11 -34.40 -33.20
C ILE C 75 5.72 -35.75 -33.57
N ARG C 76 6.54 -35.74 -34.61
CA ARG C 76 7.09 -36.98 -35.14
C ARG C 76 8.54 -36.78 -35.60
N SER C 77 9.30 -37.87 -35.60
CA SER C 77 10.67 -37.87 -36.12
C SER C 77 11.17 -39.31 -36.21
N VAL C 78 12.05 -39.58 -37.18
CA VAL C 78 12.74 -40.88 -37.22
C VAL C 78 13.70 -40.98 -36.02
N ASP C 79 14.28 -39.86 -35.65
CA ASP C 79 15.26 -39.82 -34.57
C ASP C 79 15.26 -38.43 -33.90
N PHE C 80 14.52 -38.31 -32.80
CA PHE C 80 14.53 -37.09 -31.98
C PHE C 80 15.90 -36.83 -31.36
N ARG C 81 16.73 -37.88 -31.32
CA ARG C 81 18.07 -37.84 -30.74
C ARG C 81 19.03 -37.05 -31.62
N ASP C 82 18.94 -37.29 -32.94
CA ASP C 82 19.80 -36.63 -33.94
C ASP C 82 19.22 -35.27 -34.33
N ASN C 83 20.07 -34.23 -34.32
CA ASN C 83 19.64 -32.89 -34.73
C ASN C 83 19.39 -32.76 -36.23
N ALA C 84 20.00 -33.65 -37.02
CA ALA C 84 19.90 -33.64 -38.47
C ALA C 84 18.48 -33.91 -38.95
N LYS C 85 17.80 -34.83 -38.25
CA LYS C 85 16.46 -35.27 -38.64
C LYS C 85 15.44 -34.21 -38.22
N SER C 86 14.60 -33.77 -39.17
CA SER C 86 13.60 -32.73 -38.91
C SER C 86 12.45 -33.26 -38.07
N ILE C 87 11.70 -32.33 -37.47
CA ILE C 87 10.62 -32.67 -36.54
C ILE C 87 9.25 -32.40 -37.15
N CYS C 88 8.57 -33.49 -37.51
CA CYS C 88 7.24 -33.42 -38.10
C CYS C 88 6.25 -32.96 -37.02
N VAL C 89 5.61 -31.80 -37.21
CA VAL C 89 4.64 -31.27 -36.25
C VAL C 89 3.27 -31.27 -36.90
N GLN C 90 2.27 -31.85 -36.22
CA GLN C 90 0.89 -31.89 -36.71
C GLN C 90 -0.04 -31.27 -35.69
N LEU C 91 -0.93 -30.40 -36.16
CA LEU C 91 -1.86 -29.69 -35.28
C LEU C 91 -3.07 -30.56 -34.98
N ASP C 92 -3.84 -30.13 -33.96
CA ASP C 92 -5.14 -30.71 -33.67
C ASP C 92 -6.25 -29.73 -34.06
N THR C 93 -6.00 -28.43 -33.85
CA THR C 93 -6.89 -27.38 -34.33
C THR C 93 -6.17 -26.57 -35.40
N SER C 94 -6.82 -26.41 -36.55
CA SER C 94 -6.27 -25.60 -37.65
C SER C 94 -6.19 -24.12 -37.28
N VAL C 95 -5.18 -23.44 -37.82
CA VAL C 95 -5.08 -21.98 -37.76
C VAL C 95 -5.26 -21.45 -39.18
N GLU C 96 -6.01 -20.36 -39.34
CA GLU C 96 -6.29 -19.83 -40.67
C GLU C 96 -5.26 -18.79 -41.11
N ILE C 97 -4.73 -18.96 -42.32
CA ILE C 97 -3.89 -17.95 -42.96
C ILE C 97 -4.70 -17.26 -44.05
N ASP C 98 -5.15 -16.05 -43.73
CA ASP C 98 -6.05 -15.28 -44.60
C ASP C 98 -5.23 -14.32 -45.45
N CYS C 99 -5.06 -14.68 -46.72
CA CYS C 99 -4.41 -13.82 -47.69
C CYS C 99 -5.45 -12.86 -48.25
N THR C 100 -5.44 -11.61 -47.80
CA THR C 100 -6.49 -10.65 -48.17
C THR C 100 -6.38 -10.16 -49.62
N GLY C 101 -5.17 -10.11 -50.15
CA GLY C 101 -4.94 -9.68 -51.52
C GLY C 101 -4.20 -8.36 -51.64
N ALA C 102 -3.99 -7.68 -50.51
CA ALA C 102 -3.33 -6.38 -50.47
C ALA C 102 -1.82 -6.49 -50.31
N GLY C 103 -1.27 -7.66 -50.60
CA GLY C 103 0.17 -7.92 -50.47
C GLY C 103 0.45 -9.00 -49.44
N HIS C 104 -0.30 -8.96 -48.33
CA HIS C 104 0.00 -9.78 -47.17
C HIS C 104 -1.04 -10.85 -46.88
N CYS C 105 -0.65 -11.81 -46.05
CA CYS C 105 -1.57 -12.80 -45.49
C CYS C 105 -1.56 -12.63 -43.97
N ASP C 106 -2.74 -12.74 -43.37
CA ASP C 106 -2.92 -12.46 -41.95
C ASP C 106 -3.03 -13.73 -41.13
N ILE C 107 -2.57 -13.66 -39.89
CA ILE C 107 -2.67 -14.76 -38.93
C ILE C 107 -3.17 -14.18 -37.60
N SER C 108 -4.02 -14.94 -36.91
CA SER C 108 -4.47 -14.55 -35.58
C SER C 108 -3.34 -14.75 -34.58
N ARG C 109 -3.04 -13.71 -33.80
CA ARG C 109 -1.96 -13.70 -32.82
C ARG C 109 -2.30 -14.53 -31.58
N ALA C 110 -3.59 -14.63 -31.26
CA ALA C 110 -4.06 -15.45 -30.13
C ALA C 110 -4.00 -16.92 -30.49
N LYS C 111 -4.48 -17.27 -31.68
CA LYS C 111 -4.44 -18.64 -32.19
C LYS C 111 -3.02 -19.16 -32.41
N TRP C 112 -2.12 -18.28 -32.89
CA TRP C 112 -0.74 -18.69 -33.16
C TRP C 112 0.07 -18.88 -31.87
N ASP C 113 -0.18 -18.01 -30.88
CA ASP C 113 0.44 -18.16 -29.55
C ASP C 113 -0.14 -19.34 -28.78
N ASN C 114 -1.40 -19.69 -29.07
CA ASN C 114 -2.04 -20.88 -28.50
C ASN C 114 -1.38 -22.15 -29.05
N THR C 115 -1.15 -22.17 -30.36
CA THR C 115 -0.52 -23.34 -31.01
C THR C 115 0.91 -23.52 -30.49
N LEU C 116 1.71 -22.47 -30.55
CA LEU C 116 3.10 -22.47 -30.04
C LEU C 116 3.18 -22.89 -28.56
N LYS C 117 2.21 -22.49 -27.75
CA LYS C 117 2.11 -22.95 -26.37
C LYS C 117 2.02 -24.47 -26.33
N GLN C 118 1.19 -25.04 -27.21
CA GLN C 118 1.01 -26.48 -27.29
C GLN C 118 2.19 -27.19 -27.93
N ILE C 119 2.85 -26.55 -28.89
CA ILE C 119 4.02 -27.17 -29.54
C ILE C 119 5.20 -27.28 -28.56
N ALA C 120 5.52 -26.19 -27.88
CA ALA C 120 6.57 -26.20 -26.86
C ALA C 120 6.27 -27.29 -25.84
N SER C 121 5.05 -27.25 -25.27
CA SER C 121 4.62 -28.25 -24.32
C SER C 121 4.84 -29.70 -24.80
N LYS C 122 4.66 -29.92 -26.10
CA LYS C 122 4.87 -31.26 -26.70
C LYS C 122 6.33 -31.53 -27.10
N LEU C 123 7.07 -30.48 -27.46
CA LEU C 123 8.53 -30.58 -27.57
C LEU C 123 9.13 -30.84 -26.19
N ARG C 124 8.62 -30.11 -25.21
CA ARG C 124 9.00 -30.24 -23.80
C ARG C 124 8.76 -31.65 -23.26
N GLU C 125 7.67 -32.28 -23.71
CA GLU C 125 7.36 -33.67 -23.33
C GLU C 125 8.46 -34.65 -23.79
N GLN C 126 9.05 -34.38 -24.95
CA GLN C 126 10.07 -35.27 -25.55
C GLN C 126 11.50 -34.98 -25.05
N PHE C 127 11.85 -33.70 -24.91
CA PHE C 127 13.21 -33.30 -24.49
C PHE C 127 13.32 -33.05 -22.99
N GLY C 128 12.20 -32.70 -22.36
CA GLY C 128 12.14 -32.52 -20.91
C GLY C 128 11.99 -31.07 -20.49
N ASP C 129 12.25 -30.82 -19.21
CA ASP C 129 12.21 -29.47 -18.65
C ASP C 129 13.28 -28.63 -19.34
N ARG C 130 12.89 -27.93 -20.41
CA ARG C 130 13.81 -27.09 -21.19
C ARG C 130 13.10 -25.86 -21.73
N THR C 131 13.86 -24.77 -21.87
CA THR C 131 13.33 -23.54 -22.48
C THR C 131 13.30 -23.69 -24.00
N ILE C 132 12.16 -23.37 -24.60
CA ILE C 132 11.96 -23.57 -26.03
C ILE C 132 11.90 -22.22 -26.76
N ILE C 133 12.90 -21.98 -27.60
CA ILE C 133 13.04 -20.72 -28.34
C ILE C 133 12.79 -21.00 -29.82
N PHE C 134 11.97 -20.17 -30.46
CA PHE C 134 11.71 -20.27 -31.89
C PHE C 134 12.32 -19.09 -32.62
N LYS C 135 13.08 -19.37 -33.68
CA LYS C 135 13.72 -18.36 -34.53
C LYS C 135 13.48 -18.71 -36.00
N GLN C 136 13.89 -17.83 -36.91
CA GLN C 136 13.68 -18.03 -38.34
C GLN C 136 14.79 -18.92 -38.91
N VAL C 145 14.02 -19.48 -45.90
CA VAL C 145 13.85 -18.40 -44.93
C VAL C 145 12.47 -17.71 -45.09
N THR C 146 11.84 -17.91 -46.25
CA THR C 146 10.46 -17.47 -46.43
C THR C 146 9.50 -18.65 -46.32
N HIS C 147 8.25 -18.34 -46.00
CA HIS C 147 7.15 -19.28 -46.14
C HIS C 147 6.69 -19.21 -47.59
N SER C 148 7.20 -20.13 -48.39
CA SER C 148 6.81 -20.24 -49.80
C SER C 148 5.66 -21.22 -49.92
N PHE C 149 4.78 -21.00 -50.89
CA PHE C 149 3.64 -21.91 -51.12
C PHE C 149 3.06 -21.76 -52.52
N ASN C 150 2.80 -22.90 -53.15
CA ASN C 150 2.26 -22.92 -54.51
C ASN C 150 0.73 -22.90 -54.48
N CYS C 151 0.16 -21.97 -55.24
CA CYS C 151 -1.28 -21.80 -55.31
C CYS C 151 -1.66 -21.49 -56.76
N GLY C 152 -2.30 -22.46 -57.42
CA GLY C 152 -2.69 -22.30 -58.82
C GLY C 152 -1.51 -22.05 -59.74
N GLY C 153 -0.56 -22.98 -59.76
CA GLY C 153 0.66 -22.89 -60.57
C GLY C 153 1.37 -21.55 -60.42
N GLU C 154 1.57 -21.12 -59.18
CA GLU C 154 2.09 -19.78 -58.89
C GLU C 154 2.65 -19.70 -57.46
N PHE C 155 3.97 -19.77 -57.32
CA PHE C 155 4.62 -19.71 -56.01
C PHE C 155 4.59 -18.30 -55.43
N PHE C 156 4.09 -18.17 -54.19
CA PHE C 156 4.11 -16.91 -53.46
C PHE C 156 5.01 -17.06 -52.23
N TYR C 157 5.74 -15.98 -51.91
CA TYR C 157 6.79 -16.03 -50.89
C TYR C 157 6.54 -15.01 -49.78
N CYS C 158 6.53 -15.47 -48.52
CA CYS C 158 6.19 -14.62 -47.38
C CYS C 158 7.25 -14.60 -46.29
N ASP C 159 7.50 -13.43 -45.72
CA ASP C 159 8.40 -13.30 -44.57
C ASP C 159 7.67 -13.80 -43.32
N SER C 160 8.03 -15.01 -42.87
CA SER C 160 7.35 -15.67 -41.75
C SER C 160 8.10 -15.53 -40.42
N THR C 161 9.05 -14.59 -40.35
CA THR C 161 9.81 -14.32 -39.13
C THR C 161 8.91 -14.02 -37.91
N GLN C 162 7.77 -13.38 -38.15
CA GLN C 162 6.84 -13.02 -37.08
C GLN C 162 6.13 -14.24 -36.49
N LEU C 163 6.12 -15.35 -37.24
CA LEU C 163 5.64 -16.62 -36.71
C LEU C 163 6.68 -17.33 -35.82
N PHE C 164 7.96 -17.03 -36.03
CA PHE C 164 9.03 -17.71 -35.28
C PHE C 164 9.98 -16.71 -34.62
N ASP C 165 9.48 -16.08 -33.55
CA ASP C 165 10.26 -15.16 -32.73
C ASP C 165 9.60 -15.14 -31.34
N SER C 166 9.84 -16.17 -30.54
CA SER C 166 9.11 -16.35 -29.28
C SER C 166 9.74 -17.38 -28.34
N THR C 167 9.95 -16.96 -27.09
CA THR C 167 10.50 -17.84 -26.04
C THR C 167 9.36 -18.47 -25.23
N TRP C 168 9.50 -19.74 -24.89
CA TRP C 168 8.48 -20.44 -24.09
C TRP C 168 9.14 -21.32 -23.01
N PHE C 169 8.60 -21.23 -21.79
CA PHE C 169 8.69 -22.27 -20.74
C PHE C 169 9.95 -22.33 -19.85
N ASP C 170 10.06 -23.47 -19.15
CA ASP C 170 10.33 -23.58 -17.69
C ASP C 170 9.94 -22.35 -16.83
N SER C 171 8.74 -21.83 -17.12
CA SER C 171 8.05 -20.75 -16.39
C SER C 171 7.51 -19.66 -17.35
N THR C 172 8.40 -18.89 -17.97
CA THR C 172 8.00 -17.60 -18.55
C THR C 172 8.11 -17.55 -20.08
N GLY C 173 7.09 -16.97 -20.71
CA GLY C 173 7.01 -16.88 -22.17
C GLY C 173 7.15 -15.43 -22.63
N THR C 174 8.20 -15.15 -23.40
CA THR C 174 8.48 -13.81 -23.94
C THR C 174 8.62 -13.84 -25.46
N ASP D 1 -3.39 18.22 17.31
CA ASP D 1 -4.82 18.18 17.74
C ASP D 1 -5.18 19.33 18.69
N THR D 2 -6.49 19.50 18.89
CA THR D 2 -7.03 20.68 19.55
C THR D 2 -8.16 20.28 20.50
N ILE D 3 -8.10 20.76 21.73
CA ILE D 3 -9.18 20.54 22.70
C ILE D 3 -10.21 21.65 22.51
N THR D 4 -11.28 21.33 21.79
CA THR D 4 -12.34 22.28 21.47
C THR D 4 -13.37 22.33 22.60
N LEU D 5 -13.23 23.32 23.49
CA LEU D 5 -14.14 23.49 24.63
C LEU D 5 -15.38 24.27 24.21
N PRO D 6 -16.59 23.67 24.34
CA PRO D 6 -17.81 24.42 24.01
C PRO D 6 -18.17 25.46 25.08
N CYS D 7 -18.38 26.70 24.65
CA CYS D 7 -18.67 27.81 25.57
C CYS D 7 -19.97 28.52 25.20
N ARG D 8 -20.51 29.28 26.14
CA ARG D 8 -21.79 29.97 25.95
C ARG D 8 -21.86 31.22 26.83
N PRO D 9 -22.18 32.40 26.25
CA PRO D 9 -22.37 32.65 24.81
C PRO D 9 -21.06 32.49 24.04
N ALA D 10 -21.13 32.59 22.71
CA ALA D 10 -19.93 32.49 21.88
C ALA D 10 -18.96 33.60 22.22
N PRO D 11 -17.79 33.27 22.81
CA PRO D 11 -16.80 34.31 23.10
C PRO D 11 -16.10 34.79 21.83
N PRO D 12 -16.11 36.12 21.57
CA PRO D 12 -15.49 36.65 20.36
C PRO D 12 -13.99 36.39 20.20
N PRO D 13 -13.42 36.64 19.01
CA PRO D 13 -11.98 36.55 18.77
C PRO D 13 -11.14 37.52 19.61
N HIS D 14 -11.76 38.62 20.05
CA HIS D 14 -11.09 39.59 20.92
C HIS D 14 -11.31 39.26 22.40
N CYS D 15 -11.61 37.98 22.66
CA CYS D 15 -11.66 37.45 24.03
C CYS D 15 -10.71 36.27 24.23
N SER D 16 -10.00 35.88 23.18
CA SER D 16 -8.95 34.87 23.29
C SER D 16 -7.86 35.41 24.23
N SER D 17 -7.39 34.56 25.12
CA SER D 17 -6.50 34.99 26.21
C SER D 17 -5.30 34.06 26.33
N ASN D 18 -4.46 34.35 27.32
CA ASN D 18 -3.40 33.44 27.73
C ASN D 18 -3.77 32.81 29.06
N ILE D 19 -3.43 31.54 29.23
CA ILE D 19 -3.62 30.84 30.49
C ILE D 19 -2.30 30.88 31.24
N THR D 20 -2.27 31.62 32.35
CA THR D 20 -1.07 31.78 33.15
C THR D 20 -1.10 30.98 34.46
N GLY D 21 -2.27 30.43 34.80
CA GLY D 21 -2.41 29.70 36.06
C GLY D 21 -3.80 29.18 36.32
N LEU D 22 -3.96 28.45 37.40
CA LEU D 22 -5.27 27.91 37.81
C LEU D 22 -5.34 27.69 39.31
N ILE D 23 -6.55 27.45 39.81
CA ILE D 23 -6.76 27.23 41.24
C ILE D 23 -7.39 25.85 41.45
N LEU D 24 -6.73 25.02 42.25
CA LEU D 24 -7.12 23.61 42.41
C LEU D 24 -7.54 23.29 43.84
N THR D 25 -8.47 22.34 43.95
CA THR D 25 -8.88 21.76 45.23
C THR D 25 -8.56 20.26 45.23
N ARG D 26 -8.46 19.68 46.43
CA ARG D 26 -8.07 18.28 46.59
C ARG D 26 -9.12 17.53 47.40
N ASP D 27 -9.30 16.25 47.08
CA ASP D 27 -10.28 15.39 47.76
C ASP D 27 -9.70 14.85 49.06
N ASP D 33 -6.59 3.88 45.63
CA ASP D 33 -6.16 3.78 47.02
C ASP D 33 -4.66 4.00 47.16
N GLU D 34 -4.11 4.87 46.32
CA GLU D 34 -2.71 5.32 46.41
C GLU D 34 -2.51 6.62 45.62
N THR D 35 -3.53 7.49 45.65
CA THR D 35 -3.63 8.60 44.72
C THR D 35 -3.83 9.93 45.43
N GLU D 36 -3.82 10.99 44.64
CA GLU D 36 -4.43 12.28 44.98
C GLU D 36 -5.44 12.57 43.87
N ILE D 37 -6.49 13.32 44.19
CA ILE D 37 -7.51 13.67 43.20
C ILE D 37 -7.69 15.19 43.14
N PHE D 38 -7.25 15.80 42.04
CA PHE D 38 -7.36 17.24 41.85
C PHE D 38 -8.53 17.60 40.93
N ARG D 39 -9.21 18.68 41.29
CA ARG D 39 -10.29 19.23 40.51
C ARG D 39 -10.13 20.74 40.56
N PRO D 40 -10.63 21.46 39.53
CA PRO D 40 -10.57 22.91 39.56
C PRO D 40 -11.49 23.47 40.64
N SER D 41 -11.12 24.61 41.22
CA SER D 41 -11.80 25.14 42.40
C SER D 41 -13.14 25.77 42.07
N GLY D 42 -14.13 25.55 42.94
CA GLY D 42 -15.42 26.19 42.83
C GLY D 42 -15.28 27.65 43.21
N GLY D 43 -15.28 28.52 42.22
CA GLY D 43 -14.79 29.89 42.36
C GLY D 43 -15.64 30.88 43.13
N ASP D 44 -14.98 31.72 43.92
CA ASP D 44 -15.58 32.95 44.47
C ASP D 44 -14.60 34.13 44.38
N MET D 45 -13.35 33.91 44.81
CA MET D 45 -12.28 34.91 44.73
C MET D 45 -12.69 36.27 45.32
N CYS D 51 -3.79 33.92 46.58
CA CYS D 51 -3.27 33.63 45.25
C CYS D 51 -3.38 34.87 44.38
N GLN D 52 -2.23 35.48 44.11
CA GLN D 52 -2.16 36.83 43.58
C GLN D 52 -1.39 36.86 42.25
N ILE D 53 -1.53 35.79 41.46
CA ILE D 53 -0.91 35.70 40.13
C ILE D 53 -1.88 36.13 39.03
N ALA D 54 -3.12 36.46 39.42
CA ALA D 54 -4.14 36.90 38.46
C ALA D 54 -3.82 38.32 37.96
N GLY D 55 -4.68 38.85 37.10
CA GLY D 55 -4.50 40.19 36.55
C GLY D 55 -5.82 40.94 36.40
N THR D 56 -6.02 41.55 35.23
CA THR D 56 -7.21 42.39 34.99
C THR D 56 -8.45 41.51 34.78
N VAL D 57 -8.24 40.28 34.32
CA VAL D 57 -9.33 39.37 33.98
C VAL D 57 -9.90 38.70 35.23
N VAL D 58 -11.23 38.72 35.36
CA VAL D 58 -11.94 38.01 36.42
C VAL D 58 -12.44 36.68 35.86
N SER D 59 -12.19 35.59 36.58
CA SER D 59 -12.47 34.25 36.07
C SER D 59 -12.48 33.16 37.16
N THR D 60 -13.03 32.00 36.81
CA THR D 60 -13.06 30.82 37.69
C THR D 60 -12.35 29.62 37.04
N GLN D 61 -11.71 28.80 37.87
CA GLN D 61 -10.95 27.60 37.46
C GLN D 61 -9.56 27.93 36.89
N LEU D 62 -9.51 28.82 35.90
CA LEU D 62 -8.26 29.22 35.27
C LEU D 62 -8.04 30.72 35.47
N PHE D 63 -6.79 31.13 35.67
CA PHE D 63 -6.40 32.54 35.65
C PHE D 63 -5.95 32.89 34.25
N LEU D 64 -6.42 34.02 33.74
CA LEU D 64 -6.08 34.48 32.40
C LEU D 64 -5.36 35.83 32.45
N ASN D 65 -4.46 36.07 31.50
CA ASN D 65 -3.69 37.32 31.42
C ASN D 65 -3.07 37.73 32.77
N GLY D 66 -2.58 36.75 33.52
CA GLY D 66 -1.97 36.97 34.83
C GLY D 66 -0.46 37.04 34.75
N SER D 67 0.21 36.78 35.86
CA SER D 67 1.68 36.75 35.90
C SER D 67 2.20 35.33 35.67
N LEU D 68 3.45 35.23 35.23
CA LEU D 68 4.11 33.96 34.91
C LEU D 68 5.45 33.85 35.65
N ALA D 69 5.72 32.67 36.21
CA ALA D 69 6.96 32.43 36.97
C ALA D 69 8.20 32.33 36.08
N GLU D 70 9.34 32.69 36.65
CA GLU D 70 10.64 32.61 35.95
C GLU D 70 11.00 31.16 35.61
N GLU D 71 10.66 30.76 34.39
CA GLU D 71 10.99 29.44 33.83
C GLU D 71 10.95 28.23 34.78
N GLU D 72 9.82 28.08 35.47
CA GLU D 72 9.44 26.85 36.18
C GLU D 72 8.03 26.99 36.73
N VAL D 73 7.26 25.89 36.70
CA VAL D 73 5.95 25.86 37.35
C VAL D 73 6.15 25.93 38.86
N VAL D 74 5.24 26.62 39.54
CA VAL D 74 5.31 26.75 40.99
C VAL D 74 3.92 26.71 41.62
N ILE D 75 3.79 25.88 42.63
CA ILE D 75 2.57 25.79 43.42
C ILE D 75 2.87 26.28 44.83
N ARG D 76 1.95 27.07 45.36
CA ARG D 76 2.01 27.52 46.76
C ARG D 76 0.66 27.33 47.43
N SER D 77 0.68 27.22 48.76
CA SER D 77 -0.54 27.03 49.54
C SER D 77 -0.30 27.41 50.99
N VAL D 78 -1.33 27.92 51.66
CA VAL D 78 -1.24 28.31 53.07
C VAL D 78 -0.99 27.06 53.95
N ASP D 79 -1.56 25.93 53.53
CA ASP D 79 -1.24 24.63 54.11
C ASP D 79 -1.69 23.53 53.14
N PHE D 80 -0.73 22.86 52.51
CA PHE D 80 -1.03 21.74 51.60
C PHE D 80 -1.70 20.56 52.32
N ARG D 81 -1.32 20.33 53.57
CA ARG D 81 -1.96 19.31 54.42
C ARG D 81 -3.48 19.50 54.45
N ASP D 82 -3.91 20.74 54.61
CA ASP D 82 -5.33 21.07 54.69
C ASP D 82 -5.92 21.13 53.29
N ASN D 83 -6.76 20.16 52.96
CA ASN D 83 -7.37 20.09 51.62
C ASN D 83 -8.43 21.17 51.36
N ALA D 84 -9.05 21.66 52.43
CA ALA D 84 -10.04 22.75 52.33
C ALA D 84 -9.43 24.01 51.72
N LYS D 85 -8.15 24.25 52.00
CA LYS D 85 -7.42 25.36 51.40
C LYS D 85 -7.13 25.05 49.93
N SER D 86 -7.36 26.03 49.07
CA SER D 86 -7.16 25.87 47.63
C SER D 86 -5.68 25.95 47.30
N ILE D 87 -5.33 25.58 46.07
CA ILE D 87 -3.94 25.45 45.64
C ILE D 87 -3.65 26.37 44.45
N CYS D 88 -2.85 27.41 44.70
CA CYS D 88 -2.50 28.39 43.68
C CYS D 88 -1.46 27.80 42.73
N VAL D 89 -1.76 27.79 41.44
CA VAL D 89 -0.88 27.22 40.42
C VAL D 89 -0.45 28.30 39.44
N GLN D 90 0.86 28.53 39.38
CA GLN D 90 1.44 29.54 38.51
C GLN D 90 2.29 28.87 37.44
N LEU D 91 1.91 29.07 36.18
CA LEU D 91 2.64 28.51 35.05
C LEU D 91 3.89 29.33 34.74
N ASP D 92 4.80 28.74 33.98
CA ASP D 92 5.93 29.46 33.38
C ASP D 92 5.65 29.80 31.93
N THR D 93 5.08 28.84 31.18
CA THR D 93 4.76 29.01 29.77
C THR D 93 3.25 29.08 29.61
N SER D 94 2.76 30.18 29.05
CA SER D 94 1.33 30.38 28.87
C SER D 94 0.77 29.39 27.85
N VAL D 95 -0.56 29.27 27.86
CA VAL D 95 -1.29 28.49 26.86
C VAL D 95 -2.39 29.39 26.32
N GLU D 96 -2.49 29.48 24.99
CA GLU D 96 -3.51 30.30 24.38
C GLU D 96 -4.85 29.58 24.37
N ILE D 97 -5.91 30.32 24.69
CA ILE D 97 -7.28 29.83 24.54
C ILE D 97 -7.92 30.58 23.38
N ASP D 98 -7.97 29.94 22.20
CA ASP D 98 -8.37 30.60 20.96
C ASP D 98 -9.88 30.50 20.74
N CYS D 99 -10.60 31.46 21.30
CA CYS D 99 -12.03 31.60 21.07
C CYS D 99 -12.26 32.18 19.67
N THR D 100 -12.57 31.29 18.72
CA THR D 100 -12.75 31.67 17.31
C THR D 100 -13.95 32.57 17.03
N GLY D 101 -14.95 32.51 17.91
CA GLY D 101 -16.31 32.91 17.61
C GLY D 101 -17.09 31.62 17.70
N ALA D 102 -18.02 31.39 16.78
CA ALA D 102 -18.62 30.06 16.56
C ALA D 102 -19.40 29.48 17.76
N GLY D 103 -18.77 29.44 18.93
CA GLY D 103 -19.39 28.94 20.16
C GLY D 103 -18.48 28.04 20.98
N HIS D 104 -17.18 28.25 20.88
CA HIS D 104 -16.19 27.41 21.54
C HIS D 104 -14.84 28.09 21.53
N CYS D 105 -13.90 27.53 22.30
CA CYS D 105 -12.54 28.07 22.41
C CYS D 105 -11.56 26.91 22.37
N ASP D 106 -10.40 27.16 21.77
CA ASP D 106 -9.46 26.10 21.37
C ASP D 106 -8.13 26.19 22.08
N ILE D 107 -7.76 25.10 22.74
CA ILE D 107 -6.46 24.93 23.36
C ILE D 107 -5.66 23.93 22.52
N SER D 108 -4.34 24.05 22.52
CA SER D 108 -3.49 23.03 21.95
C SER D 108 -3.47 21.86 22.93
N ARG D 109 -3.84 20.66 22.46
CA ARG D 109 -3.81 19.47 23.31
C ARG D 109 -2.38 19.13 23.74
N ALA D 110 -1.40 19.44 22.90
CA ALA D 110 -0.01 19.11 23.19
C ALA D 110 0.54 19.94 24.35
N LYS D 111 0.33 21.25 24.34
CA LYS D 111 0.86 22.13 25.39
C LYS D 111 0.09 21.98 26.70
N TRP D 112 -1.19 21.65 26.63
CA TRP D 112 -1.98 21.39 27.84
C TRP D 112 -1.56 20.09 28.53
N ASP D 113 -1.33 19.04 27.74
CA ASP D 113 -0.89 17.75 28.29
C ASP D 113 0.51 17.85 28.90
N ASN D 114 1.39 18.59 28.25
CA ASN D 114 2.69 18.92 28.85
C ASN D 114 2.51 19.81 30.10
N THR D 115 1.69 20.85 29.97
CA THR D 115 1.36 21.72 31.12
C THR D 115 0.89 20.88 32.29
N LEU D 116 0.06 19.88 31.99
CA LEU D 116 -0.51 19.00 33.01
C LEU D 116 0.56 18.06 33.60
N LYS D 117 1.49 17.58 32.79
CA LYS D 117 2.58 16.75 33.29
C LYS D 117 3.44 17.56 34.24
N GLN D 118 3.62 18.85 33.93
CA GLN D 118 4.40 19.74 34.79
C GLN D 118 3.74 19.95 36.15
N ILE D 119 2.48 20.37 36.15
CA ILE D 119 1.74 20.57 37.41
C ILE D 119 1.75 19.28 38.25
N ALA D 120 1.59 18.14 37.58
CA ALA D 120 1.60 16.85 38.25
C ALA D 120 2.90 16.61 39.04
N SER D 121 4.02 17.03 38.48
CA SER D 121 5.33 16.78 39.09
C SER D 121 5.65 17.72 40.24
N LYS D 122 5.18 18.97 40.15
CA LYS D 122 5.27 19.88 41.30
C LYS D 122 4.34 19.44 42.43
N LEU D 123 3.27 18.73 42.09
CA LEU D 123 2.37 18.13 43.10
C LEU D 123 2.98 16.85 43.71
N ARG D 124 3.76 16.13 42.91
CA ARG D 124 4.51 14.95 43.38
C ARG D 124 5.75 15.35 44.19
N GLU D 125 6.24 16.55 43.94
CA GLU D 125 7.36 17.13 44.68
C GLU D 125 6.90 17.74 46.03
N GLN D 126 5.59 17.67 46.30
CA GLN D 126 5.00 18.11 47.57
C GLN D 126 4.32 16.93 48.29
N PHE D 127 3.44 16.22 47.58
CA PHE D 127 2.67 15.11 48.17
C PHE D 127 3.37 13.75 48.07
N GLY D 128 4.37 13.64 47.20
CA GLY D 128 5.20 12.45 47.13
C GLY D 128 4.84 11.48 46.03
N ASP D 129 5.09 10.20 46.30
CA ASP D 129 5.06 9.13 45.30
C ASP D 129 3.66 8.54 45.13
N ARG D 130 2.78 9.30 44.49
CA ARG D 130 1.41 8.86 44.25
C ARG D 130 0.89 9.38 42.91
N THR D 131 -0.22 8.83 42.47
CA THR D 131 -0.76 9.11 41.13
C THR D 131 -1.67 10.33 41.14
N ILE D 132 -1.32 11.33 40.34
CA ILE D 132 -2.07 12.58 40.24
C ILE D 132 -3.17 12.44 39.19
N ILE D 133 -4.41 12.62 39.65
CA ILE D 133 -5.58 12.48 38.81
C ILE D 133 -6.28 13.83 38.72
N PHE D 134 -6.55 14.27 37.49
CA PHE D 134 -7.29 15.50 37.25
C PHE D 134 -8.73 15.19 36.87
N LYS D 135 -9.67 15.75 37.62
CA LYS D 135 -11.09 15.45 37.47
C LYS D 135 -11.95 16.70 37.53
N GLN D 136 -13.25 16.53 37.31
CA GLN D 136 -14.21 17.62 37.23
C GLN D 136 -14.49 18.17 38.62
N SER D 137 -14.93 19.43 38.71
CA SER D 137 -15.17 20.07 40.01
C SER D 137 -16.33 19.40 40.76
N SER D 138 -17.43 19.17 40.07
CA SER D 138 -18.60 18.49 40.61
C SER D 138 -19.19 19.21 41.83
N ASP D 141 -23.55 24.06 41.20
CA ASP D 141 -23.87 25.17 40.31
C ASP D 141 -22.95 25.12 39.08
N PRO D 142 -23.51 25.26 37.87
CA PRO D 142 -22.72 25.17 36.64
C PRO D 142 -21.94 26.44 36.26
N GLU D 143 -21.62 27.27 37.24
CA GLU D 143 -20.65 28.37 37.06
C GLU D 143 -19.31 27.98 37.70
N PHE D 144 -19.39 27.25 38.81
CA PHE D 144 -18.20 26.74 39.50
C PHE D 144 -17.76 25.40 38.89
N VAL D 145 -18.65 24.79 38.11
CA VAL D 145 -18.33 23.57 37.35
C VAL D 145 -17.84 23.92 35.94
N THR D 146 -18.15 25.13 35.46
CA THR D 146 -17.64 25.61 34.18
C THR D 146 -16.46 26.56 34.38
N HIS D 147 -15.74 26.82 33.28
CA HIS D 147 -14.73 27.87 33.23
C HIS D 147 -15.40 29.19 32.85
N SER D 148 -15.50 30.09 33.82
CA SER D 148 -16.12 31.41 33.60
C SER D 148 -15.05 32.48 33.52
N PHE D 149 -15.36 33.57 32.81
CA PHE D 149 -14.47 34.71 32.68
C PHE D 149 -15.23 35.93 32.17
N ASN D 150 -14.67 37.12 32.37
CA ASN D 150 -15.26 38.35 31.88
C ASN D 150 -14.41 38.97 30.76
N CYS D 151 -15.06 39.43 29.71
CA CYS D 151 -14.37 40.01 28.56
C CYS D 151 -14.67 41.51 28.39
N GLY D 152 -15.94 41.87 28.31
CA GLY D 152 -16.33 43.27 28.12
C GLY D 152 -17.68 43.59 28.75
N GLY D 153 -17.80 43.31 30.04
CA GLY D 153 -19.06 43.51 30.78
C GLY D 153 -19.87 42.22 30.89
N GLU D 154 -19.75 41.35 29.87
CA GLU D 154 -20.44 40.08 29.87
C GLU D 154 -19.59 38.98 30.48
N PHE D 155 -20.26 37.98 31.03
CA PHE D 155 -19.61 36.75 31.47
C PHE D 155 -19.79 35.67 30.41
N PHE D 156 -18.72 34.96 30.10
CA PHE D 156 -18.77 33.79 29.21
C PHE D 156 -18.47 32.53 30.02
N TYR D 157 -19.03 31.40 29.59
CA TYR D 157 -18.99 30.15 30.34
C TYR D 157 -18.56 28.99 29.42
N CYS D 158 -17.38 28.41 29.69
CA CYS D 158 -16.86 27.30 28.88
C CYS D 158 -17.00 25.96 29.60
N ASP D 159 -17.25 24.90 28.83
CA ASP D 159 -17.25 23.56 29.37
C ASP D 159 -15.80 23.08 29.51
N SER D 160 -15.35 22.95 30.76
CA SER D 160 -13.97 22.54 31.07
C SER D 160 -13.78 21.01 31.07
N THR D 161 -14.88 20.26 31.06
CA THR D 161 -14.79 18.81 30.90
C THR D 161 -13.98 18.51 29.64
N GLN D 162 -12.72 18.11 29.87
CA GLN D 162 -11.71 17.80 28.86
C GLN D 162 -10.35 18.32 29.32
N LEU D 163 -10.32 19.56 29.81
CA LEU D 163 -9.11 20.09 30.47
C LEU D 163 -8.79 19.33 31.75
N PHE D 164 -9.78 18.66 32.32
CA PHE D 164 -9.58 17.89 33.54
C PHE D 164 -10.20 16.50 33.37
N ASP D 165 -9.56 15.71 32.51
CA ASP D 165 -9.81 14.27 32.43
C ASP D 165 -8.51 13.58 32.01
N SER D 166 -7.60 13.44 32.97
CA SER D 166 -6.33 12.77 32.75
C SER D 166 -5.76 12.23 34.07
N THR D 167 -4.80 11.32 33.94
CA THR D 167 -4.13 10.71 35.09
C THR D 167 -2.64 10.58 34.79
N TRP D 168 -1.81 10.99 35.74
CA TRP D 168 -0.36 10.96 35.56
C TRP D 168 0.35 10.24 36.71
N PHE D 169 1.40 9.51 36.35
CA PHE D 169 2.49 9.15 37.27
C PHE D 169 2.24 8.06 38.31
N ASP D 170 3.34 7.69 38.98
CA ASP D 170 3.48 6.51 39.85
C ASP D 170 3.89 5.17 39.15
N SER D 171 4.18 5.12 37.84
CA SER D 171 4.46 6.26 36.98
C SER D 171 4.13 6.09 35.48
N THR D 172 2.84 6.02 35.14
CA THR D 172 2.39 5.99 33.75
C THR D 172 1.24 7.00 33.49
N GLY D 173 1.14 7.48 32.25
CA GLY D 173 0.12 8.46 31.85
C GLY D 173 -1.00 7.80 31.05
N THR D 174 -2.24 8.05 31.45
CA THR D 174 -3.39 7.35 30.86
C THR D 174 -4.44 8.34 30.36
C1 NAG E . 15.56 7.84 -10.26
C2 NAG E . 16.18 9.22 -10.11
C3 NAG E . 17.34 9.22 -9.13
C4 NAG E . 16.85 8.61 -7.82
C5 NAG E . 16.45 7.15 -8.03
C6 NAG E . 15.42 6.73 -6.98
C7 NAG E . 15.71 10.08 -12.35
C8 NAG E . 16.25 10.56 -13.66
N2 NAG E . 16.60 9.71 -11.42
O3 NAG E . 17.79 10.55 -8.92
O4 NAG E . 17.86 8.66 -6.82
O5 NAG E . 16.00 6.84 -9.34
O6 NAG E . 16.03 6.74 -5.68
O7 NAG E . 14.50 10.05 -12.15
C1 NAG F . 10.90 13.11 -12.36
C2 NAG F . 10.74 14.08 -13.53
C3 NAG F . 12.07 14.58 -14.08
C4 NAG F . 12.90 15.07 -12.92
C5 NAG F . 13.18 13.87 -12.04
C6 NAG F . 14.18 14.21 -10.94
C7 NAG F . 9.03 14.17 -15.27
C8 NAG F . 8.31 13.45 -16.37
N2 NAG F . 9.96 13.49 -14.60
O3 NAG F . 11.85 15.65 -14.99
O4 NAG F . 14.08 15.70 -13.33
O5 NAG F . 11.95 13.48 -11.48
O6 NAG F . 13.69 15.27 -10.16
O7 NAG F . 8.75 15.36 -15.03
C1 NAG G . -9.34 -15.80 19.76
C2 NAG G . -10.30 -16.99 19.61
C3 NAG G . -10.06 -18.02 20.71
C4 NAG G . -8.57 -18.35 20.72
C5 NAG G . -7.80 -17.11 21.14
C6 NAG G . -6.40 -17.08 20.52
C7 NAG G . -12.19 -15.79 18.61
C8 NAG G . -13.66 -15.42 18.76
N2 NAG G . -11.68 -16.55 19.58
O3 NAG G . -10.82 -19.19 20.50
O4 NAG G . -8.27 -19.37 21.64
O5 NAG G . -8.58 -15.94 20.95
O6 NAG G . -6.20 -15.96 19.68
O7 NAG G . -11.57 -15.38 17.62
C1 NAG H . -10.49 -14.61 12.64
C2 NAG H . -11.44 -13.97 11.65
C3 NAG H . -12.90 -14.23 12.02
C4 NAG H . -13.17 -15.66 12.41
C5 NAG H . -12.12 -16.19 13.37
C6 NAG H . -12.30 -17.68 13.67
C7 NAG H . -11.60 -11.82 10.50
C8 NAG H . -11.34 -10.35 10.52
N2 NAG H . -11.23 -12.52 11.56
O3 NAG H . -13.70 -13.92 10.91
O4 NAG H . -14.46 -15.75 13.00
O5 NAG H . -10.84 -15.97 12.82
O6 NAG H . -11.41 -18.49 12.90
O7 NAG H . -12.14 -12.33 9.52
C1 NAG I . -10.47 -23.58 -42.54
C2 NAG I . -11.57 -23.74 -43.60
C3 NAG I . -12.78 -24.54 -43.08
C4 NAG I . -12.34 -25.77 -42.29
C5 NAG I . -11.35 -25.39 -41.19
C6 NAG I . -10.17 -26.36 -41.15
C7 NAG I . -11.27 -21.61 -44.77
C8 NAG I . -11.89 -20.32 -45.22
N2 NAG I . -12.04 -22.45 -44.09
O3 NAG I . -13.56 -24.97 -44.18
O4 NAG I . -13.48 -26.36 -41.68
O5 NAG I . -10.92 -24.03 -41.27
O6 NAG I . -10.53 -27.48 -40.37
O7 NAG I . -10.08 -21.84 -45.05
C1 NAG J . -6.77 -24.81 -49.00
C2 NAG J . -6.47 -24.06 -50.29
C3 NAG J . -7.60 -23.12 -50.71
C4 NAG J . -8.92 -23.90 -50.68
C5 NAG J . -9.13 -24.30 -49.22
C6 NAG J . -10.53 -24.88 -48.93
C7 NAG J . -4.24 -23.46 -51.11
C8 NAG J . -3.00 -22.63 -50.92
N2 NAG J . -5.22 -23.31 -50.22
O3 NAG J . -7.33 -22.58 -51.98
O4 NAG J . -10.01 -23.14 -51.15
O5 NAG J . -8.13 -25.24 -48.88
O6 NAG J . -10.85 -25.92 -49.85
O7 NAG J . -4.30 -24.23 -52.07
C1 NAG K . -0.13 35.17 24.76
C2 NAG K . -0.21 36.43 23.90
C3 NAG K . 1.15 36.78 23.34
C4 NAG K . 2.13 36.88 24.50
C5 NAG K . 2.25 35.53 25.23
C6 NAG K . 2.36 35.69 26.75
C7 NAG K . -2.51 36.15 23.11
C8 NAG K . -3.42 35.96 21.92
N2 NAG K . -1.19 36.24 22.85
O3 NAG K . 1.08 38.02 22.67
O4 NAG K . 3.40 37.24 23.98
O5 NAG K . 1.19 34.65 24.91
O6 NAG K . 3.02 34.55 27.28
O7 NAG K . -2.99 36.22 24.23
C1 NAG L . -6.16 39.20 27.46
C2 NAG L . -7.49 39.87 27.11
C3 NAG L . -7.68 40.15 25.61
C4 NAG L . -6.40 40.50 24.87
C5 NAG L . -5.27 39.58 25.31
C6 NAG L . -3.96 39.89 24.60
C7 NAG L . -9.52 39.34 28.40
C8 NAG L . -10.54 38.28 28.73
N2 NAG L . -8.56 38.98 27.53
O3 NAG L . -8.59 41.22 25.44
O4 NAG L . -6.61 40.32 23.49
O5 NAG L . -5.10 39.75 26.70
O6 NAG L . -3.77 41.29 24.49
O7 NAG L . -9.60 40.45 28.92
#